data_9OKV
# 
_entry.id   9OKV 
# 
_audit_conform.dict_name       mmcif_pdbx.dic 
_audit_conform.dict_version    5.407 
_audit_conform.dict_location   http://mmcif.pdb.org/dictionaries/ascii/mmcif_pdbx.dic 
# 
loop_
_database_2.database_id 
_database_2.database_code 
_database_2.pdbx_database_accession 
_database_2.pdbx_DOI 
PDB   9OKV         pdb_00009okv 10.2210/pdb9okv/pdb 
WWPDB D_1000294998 ?            ?                   
# 
loop_
_pdbx_audit_revision_history.ordinal 
_pdbx_audit_revision_history.data_content_type 
_pdbx_audit_revision_history.major_revision 
_pdbx_audit_revision_history.minor_revision 
_pdbx_audit_revision_history.revision_date 
_pdbx_audit_revision_history.part_number 
1 'Structure model' 1 0 2025-10-22 ? 
2 'Structure model' 1 1 2025-11-26 ? 
# 
_pdbx_audit_revision_details.ordinal             1 
_pdbx_audit_revision_details.revision_ordinal    1 
_pdbx_audit_revision_details.data_content_type   'Structure model' 
_pdbx_audit_revision_details.provider            repository 
_pdbx_audit_revision_details.type                'Initial release' 
_pdbx_audit_revision_details.description         ? 
_pdbx_audit_revision_details.details             ? 
# 
_pdbx_audit_revision_group.ordinal             1 
_pdbx_audit_revision_group.revision_ordinal    2 
_pdbx_audit_revision_group.data_content_type   'Structure model' 
_pdbx_audit_revision_group.group               'Database references' 
# 
loop_
_pdbx_audit_revision_category.ordinal 
_pdbx_audit_revision_category.revision_ordinal 
_pdbx_audit_revision_category.data_content_type 
_pdbx_audit_revision_category.category 
1 2 'Structure model' citation        
2 2 'Structure model' citation_author 
# 
_pdbx_database_status.status_code                     REL 
_pdbx_database_status.status_code_sf                  REL 
_pdbx_database_status.status_code_mr                  ? 
_pdbx_database_status.entry_id                        9OKV 
_pdbx_database_status.recvd_initial_deposition_date   2025-05-11 
_pdbx_database_status.SG_entry                        N 
_pdbx_database_status.deposit_site                    RCSB 
_pdbx_database_status.process_site                    RCSB 
_pdbx_database_status.status_code_cs                  ? 
_pdbx_database_status.status_code_nmr_data            ? 
_pdbx_database_status.methods_development_category    ? 
_pdbx_database_status.pdb_format_compatible           Y 
# 
_pdbx_contact_author.id                 2 
_pdbx_contact_author.email              jwszostak@uchicago.edu 
_pdbx_contact_author.name_first         Jack 
_pdbx_contact_author.name_last          Szostak 
_pdbx_contact_author.name_mi            W 
_pdbx_contact_author.role               'principal investigator/group leader' 
_pdbx_contact_author.identifier_ORCID   0000-0003-4131-1203 
# 
loop_
_audit_author.name 
_audit_author.pdbx_ordinal 
_audit_author.identifier_ORCID 
'Fang, Z.'      1 0000-0001-8679-6633 
'Szostak, J.W.' 2 0000-0003-4131-1203 
# 
loop_
_citation.abstract 
_citation.abstract_id_CAS 
_citation.book_id_ISBN 
_citation.book_publisher 
_citation.book_publisher_city 
_citation.book_title 
_citation.coordinate_linkage 
_citation.country 
_citation.database_id_Medline 
_citation.details 
_citation.id 
_citation.journal_abbrev 
_citation.journal_id_ASTM 
_citation.journal_id_CSD 
_citation.journal_id_ISSN 
_citation.journal_full 
_citation.journal_issue 
_citation.journal_volume 
_citation.language 
_citation.page_first 
_citation.page_last 
_citation.title 
_citation.year 
_citation.database_id_CSD 
_citation.pdbx_database_id_DOI 
_citation.pdbx_database_id_PubMed 
_citation.pdbx_database_id_patent 
_citation.unpublished_flag 
? ? ? ? ? ? ? UK ? ? primary 'Nucleic Acids Res.' NARHAD 0389 1362-4962 ? ? 53 ? ? ? 
;Impact of 2'-deoxyribo-purine substrates on nonenzymatic RNA template-directed primer extension.
;
2025 ? 10.1093/nar/gkaf1228      41261857 ? ? 
? ? ? ? ? ? ? US ? ? 1       Biorxiv              ?      ?    2692-8205 ? ? ?  ? ? ? 
;Impact of 2'-deoxyribo-purine substrates on nonenzymatic RNA template-directed primer extension.
;
2025 ? 10.1101/2025.08.29.673048 40909494 ? ? 
# 
loop_
_citation_author.citation_id 
_citation_author.name 
_citation_author.ordinal 
_citation_author.identifier_ORCID 
primary 'Fang, Z.'      1  0000-0001-8679-6633 
primary 'Acikgoz, O.'   2  ?                   
primary 'Jia, X.'       3  0000-0001-9094-9882 
primary 'Essex, J.'     4  ?                   
primary 'Wen, R.'       5  ?                   
primary 'Szostak, J.W.' 6  0000-0003-4131-1203 
1       'Fang, Z.'      7  0000-0001-8679-6633 
1       'Acikgoz, O.'   8  0009-0001-3296-1637 
1       'Jia, X.'       9  0000-0001-9094-9882 
1       'Essex, J.'     10 0009-0003-6281-4798 
1       'Wen, R.'       11 ?                   
1       'Szostak, J.W.' 12 0000-0003-4131-1203 
# 
loop_
_entity.id 
_entity.type 
_entity.src_method 
_entity.pdbx_description 
_entity.formula_weight 
_entity.pdbx_number_of_molecules 
_entity.pdbx_ec 
_entity.pdbx_mutation 
_entity.pdbx_fragment 
_entity.details 
1 polymer syn 
;DNA/RNA (5'-R(*AP*GP*AP*GP*AP*AP*G)-D(P*A)-R(P*(SUR)P*CP*UP*UP*CP*UP*CP*U)-3')
;
5083.130 1   ? ? ? ? 
2 water   nat water                                                                            18.015   107 ? ? ? ? 
# 
_entity_poly.entity_id                      1 
_entity_poly.type                           'polydeoxyribonucleotide/polyribonucleotide hybrid' 
_entity_poly.nstd_linkage                   no 
_entity_poly.nstd_monomer                   yes 
_entity_poly.pdbx_seq_one_letter_code       'AGAGAAG(DA)(SUR)CUUCUCU' 
_entity_poly.pdbx_seq_one_letter_code_can   AGAGAAGAUCUUCUCU 
_entity_poly.pdbx_strand_id                 A 
_entity_poly.pdbx_target_identifier         ? 
# 
_pdbx_entity_nonpoly.entity_id   2 
_pdbx_entity_nonpoly.name        water 
_pdbx_entity_nonpoly.comp_id     HOH 
# 
loop_
_entity_poly_seq.entity_id 
_entity_poly_seq.num 
_entity_poly_seq.mon_id 
_entity_poly_seq.hetero 
1 1  A   n 
1 2  G   n 
1 3  A   n 
1 4  G   n 
1 5  A   n 
1 6  A   n 
1 7  G   n 
1 8  DA  n 
1 9  SUR n 
1 10 C   n 
1 11 U   n 
1 12 U   n 
1 13 C   n 
1 14 U   n 
1 15 C   n 
1 16 U   n 
# 
_pdbx_entity_src_syn.entity_id              1 
_pdbx_entity_src_syn.pdbx_src_id            1 
_pdbx_entity_src_syn.pdbx_alt_source_flag   sample 
_pdbx_entity_src_syn.pdbx_beg_seq_num       1 
_pdbx_entity_src_syn.pdbx_end_seq_num       16 
_pdbx_entity_src_syn.organism_scientific    'synthetic construct' 
_pdbx_entity_src_syn.organism_common_name   ? 
_pdbx_entity_src_syn.ncbi_taxonomy_id       32630 
_pdbx_entity_src_syn.details                ? 
# 
loop_
_chem_comp.id 
_chem_comp.type 
_chem_comp.mon_nstd_flag 
_chem_comp.name 
_chem_comp.pdbx_synonyms 
_chem_comp.formula 
_chem_comp.formula_weight 
A   'RNA linking' y "ADENOSINE-5'-MONOPHOSPHATE"                          ? 'C10 H14 N5 O7 P'  347.221 
C   'RNA linking' y "CYTIDINE-5'-MONOPHOSPHATE"                           ? 'C9 H14 N3 O8 P'   323.197 
DA  'DNA linking' y "2'-DEOXYADENOSINE-5'-MONOPHOSPHATE"                  ? 'C10 H14 N5 O6 P'  331.222 
G   'RNA linking' y "GUANOSINE-5'-MONOPHOSPHATE"                          ? 'C10 H14 N5 O8 P'  363.221 
HOH non-polymer   . WATER                                                 ? 'H2 O'             18.015  
SUR 'RNA linking' n "1-(BETA-D-RIBOFURANOSYL)-2-THIO-URACIL-5'-PHOSPHATE" ? 'C9 H13 N2 O8 P S' 340.247 
U   'RNA linking' y "URIDINE-5'-MONOPHOSPHATE"                            ? 'C9 H13 N2 O9 P'   324.181 
# 
loop_
_pdbx_poly_seq_scheme.asym_id 
_pdbx_poly_seq_scheme.entity_id 
_pdbx_poly_seq_scheme.seq_id 
_pdbx_poly_seq_scheme.mon_id 
_pdbx_poly_seq_scheme.ndb_seq_num 
_pdbx_poly_seq_scheme.pdb_seq_num 
_pdbx_poly_seq_scheme.auth_seq_num 
_pdbx_poly_seq_scheme.pdb_mon_id 
_pdbx_poly_seq_scheme.auth_mon_id 
_pdbx_poly_seq_scheme.pdb_strand_id 
_pdbx_poly_seq_scheme.pdb_ins_code 
_pdbx_poly_seq_scheme.hetero 
A 1 1  A   1  1  1  A   A   A . n 
A 1 2  G   2  2  2  G   G   A . n 
A 1 3  A   3  3  3  A   A   A . n 
A 1 4  G   4  4  4  G   G   A . n 
A 1 5  A   5  5  5  A   A   A . n 
A 1 6  A   6  6  6  A   A   A . n 
A 1 7  G   7  7  7  G   G   A . n 
A 1 8  DA  8  8  8  DA  DA  A . n 
A 1 9  SUR 9  9  9  SUR SUR A . n 
A 1 10 C   10 10 10 C   C   A . n 
A 1 11 U   11 11 11 U   U   A . n 
A 1 12 U   12 12 12 U   U   A . n 
A 1 13 C   13 13 13 C   C   A . n 
A 1 14 U   14 14 14 U   U   A . n 
A 1 15 C   15 15 15 C   C   A . n 
A 1 16 U   16 16 16 U   U   A . n 
# 
_pdbx_entity_instance_feature.ordinal        1 
_pdbx_entity_instance_feature.comp_id        SUR 
_pdbx_entity_instance_feature.asym_id        ? 
_pdbx_entity_instance_feature.seq_num        ? 
_pdbx_entity_instance_feature.auth_comp_id   SUR 
_pdbx_entity_instance_feature.auth_asym_id   ? 
_pdbx_entity_instance_feature.auth_seq_num   ? 
_pdbx_entity_instance_feature.feature_type   'SUBJECT OF INVESTIGATION' 
_pdbx_entity_instance_feature.details        ? 
# 
loop_
_pdbx_nonpoly_scheme.asym_id 
_pdbx_nonpoly_scheme.entity_id 
_pdbx_nonpoly_scheme.mon_id 
_pdbx_nonpoly_scheme.ndb_seq_num 
_pdbx_nonpoly_scheme.pdb_seq_num 
_pdbx_nonpoly_scheme.auth_seq_num 
_pdbx_nonpoly_scheme.pdb_mon_id 
_pdbx_nonpoly_scheme.auth_mon_id 
_pdbx_nonpoly_scheme.pdb_strand_id 
_pdbx_nonpoly_scheme.pdb_ins_code 
B 2 HOH 1   101 110 HOH HOH A . 
B 2 HOH 2   102 29  HOH HOH A . 
B 2 HOH 3   103 48  HOH HOH A . 
B 2 HOH 4   104 77  HOH HOH A . 
B 2 HOH 5   105 95  HOH HOH A . 
B 2 HOH 6   106 40  HOH HOH A . 
B 2 HOH 7   107 2   HOH HOH A . 
B 2 HOH 8   108 47  HOH HOH A . 
B 2 HOH 9   109 98  HOH HOH A . 
B 2 HOH 10  110 24  HOH HOH A . 
B 2 HOH 11  111 27  HOH HOH A . 
B 2 HOH 12  112 63  HOH HOH A . 
B 2 HOH 13  113 10  HOH HOH A . 
B 2 HOH 14  114 97  HOH HOH A . 
B 2 HOH 15  115 31  HOH HOH A . 
B 2 HOH 16  116 104 HOH HOH A . 
B 2 HOH 17  117 92  HOH HOH A . 
B 2 HOH 18  118 21  HOH HOH A . 
B 2 HOH 19  119 20  HOH HOH A . 
B 2 HOH 20  120 71  HOH HOH A . 
B 2 HOH 21  121 76  HOH HOH A . 
B 2 HOH 22  122 66  HOH HOH A . 
B 2 HOH 23  123 41  HOH HOH A . 
B 2 HOH 24  124 112 HOH HOH A . 
B 2 HOH 25  125 13  HOH HOH A . 
B 2 HOH 26  126 88  HOH HOH A . 
B 2 HOH 27  127 35  HOH HOH A . 
B 2 HOH 28  128 55  HOH HOH A . 
B 2 HOH 29  129 58  HOH HOH A . 
B 2 HOH 30  130 46  HOH HOH A . 
B 2 HOH 31  131 54  HOH HOH A . 
B 2 HOH 32  132 3   HOH HOH A . 
B 2 HOH 33  133 4   HOH HOH A . 
B 2 HOH 34  134 109 HOH HOH A . 
B 2 HOH 35  135 67  HOH HOH A . 
B 2 HOH 36  136 45  HOH HOH A . 
B 2 HOH 37  137 9   HOH HOH A . 
B 2 HOH 38  138 37  HOH HOH A . 
B 2 HOH 39  139 7   HOH HOH A . 
B 2 HOH 40  140 12  HOH HOH A . 
B 2 HOH 41  141 84  HOH HOH A . 
B 2 HOH 42  142 22  HOH HOH A . 
B 2 HOH 43  143 36  HOH HOH A . 
B 2 HOH 44  144 85  HOH HOH A . 
B 2 HOH 45  145 87  HOH HOH A . 
B 2 HOH 46  146 19  HOH HOH A . 
B 2 HOH 47  147 80  HOH HOH A . 
B 2 HOH 48  148 34  HOH HOH A . 
B 2 HOH 49  149 32  HOH HOH A . 
B 2 HOH 50  150 16  HOH HOH A . 
B 2 HOH 51  151 42  HOH HOH A . 
B 2 HOH 52  152 65  HOH HOH A . 
B 2 HOH 53  153 75  HOH HOH A . 
B 2 HOH 54  154 102 HOH HOH A . 
B 2 HOH 55  155 28  HOH HOH A . 
B 2 HOH 56  156 43  HOH HOH A . 
B 2 HOH 57  157 79  HOH HOH A . 
B 2 HOH 58  158 57  HOH HOH A . 
B 2 HOH 59  159 100 HOH HOH A . 
B 2 HOH 60  160 81  HOH HOH A . 
B 2 HOH 61  161 17  HOH HOH A . 
B 2 HOH 62  162 26  HOH HOH A . 
B 2 HOH 63  163 111 HOH HOH A . 
B 2 HOH 64  164 68  HOH HOH A . 
B 2 HOH 65  165 62  HOH HOH A . 
B 2 HOH 66  166 1   HOH HOH A . 
B 2 HOH 67  167 83  HOH HOH A . 
B 2 HOH 68  168 39  HOH HOH A . 
B 2 HOH 69  169 74  HOH HOH A . 
B 2 HOH 70  170 44  HOH HOH A . 
B 2 HOH 71  171 64  HOH HOH A . 
B 2 HOH 72  172 25  HOH HOH A . 
B 2 HOH 73  173 72  HOH HOH A . 
B 2 HOH 74  174 33  HOH HOH A . 
B 2 HOH 75  175 8   HOH HOH A . 
B 2 HOH 76  176 103 HOH HOH A . 
B 2 HOH 77  177 89  HOH HOH A . 
B 2 HOH 78  178 30  HOH HOH A . 
B 2 HOH 79  179 11  HOH HOH A . 
B 2 HOH 80  180 18  HOH HOH A . 
B 2 HOH 81  181 78  HOH HOH A . 
B 2 HOH 82  182 23  HOH HOH A . 
B 2 HOH 83  183 15  HOH HOH A . 
B 2 HOH 84  184 53  HOH HOH A . 
B 2 HOH 85  185 6   HOH HOH A . 
B 2 HOH 86  186 38  HOH HOH A . 
B 2 HOH 87  187 106 HOH HOH A . 
B 2 HOH 88  188 49  HOH HOH A . 
B 2 HOH 89  189 93  HOH HOH A . 
B 2 HOH 90  190 105 HOH HOH A . 
B 2 HOH 91  191 107 HOH HOH A . 
B 2 HOH 92  192 69  HOH HOH A . 
B 2 HOH 93  193 90  HOH HOH A . 
B 2 HOH 94  194 108 HOH HOH A . 
B 2 HOH 95  195 56  HOH HOH A . 
B 2 HOH 96  196 70  HOH HOH A . 
B 2 HOH 97  197 82  HOH HOH A . 
B 2 HOH 98  198 86  HOH HOH A . 
B 2 HOH 99  199 91  HOH HOH A . 
B 2 HOH 100 200 94  HOH HOH A . 
B 2 HOH 101 201 60  HOH HOH A . 
B 2 HOH 102 202 59  HOH HOH A . 
B 2 HOH 103 203 73  HOH HOH A . 
B 2 HOH 104 204 101 HOH HOH A . 
B 2 HOH 105 205 96  HOH HOH A . 
B 2 HOH 106 206 99  HOH HOH A . 
B 2 HOH 107 207 61  HOH HOH A . 
# 
loop_
_software.citation_id 
_software.classification 
_software.compiler_name 
_software.compiler_version 
_software.contact_author 
_software.contact_author_email 
_software.date 
_software.description 
_software.dependencies 
_software.hardware 
_software.language 
_software.location 
_software.mods 
_software.name 
_software.os 
_software.os_version 
_software.type 
_software.version 
_software.pdbx_reference_DOI 
_software.pdbx_ordinal 
? refinement       ? ? ? ? ? ? ? ? ? ? ? REFMAC   ? ? ? 5.8.0425 ? 1 
? 'data reduction' ? ? ? ? ? ? ? ? ? ? ? HKL-2000 ? ? ? .        ? 2 
? 'data scaling'   ? ? ? ? ? ? ? ? ? ? ? HKL-2000 ? ? ? .        ? 3 
? phasing          ? ? ? ? ? ? ? ? ? ? ? PHASER   ? ? ? .        ? 4 
# 
_cell.angle_alpha                  90.000 
_cell.angle_alpha_esd              ? 
_cell.angle_beta                   90.000 
_cell.angle_beta_esd               ? 
_cell.angle_gamma                  120.000 
_cell.angle_gamma_esd              ? 
_cell.entry_id                     9OKV 
_cell.details                      ? 
_cell.formula_units_Z              ? 
_cell.length_a                     41.147 
_cell.length_a_esd                 ? 
_cell.length_b                     41.147 
_cell.length_b_esd                 ? 
_cell.length_c                     124.373 
_cell.length_c_esd                 ? 
_cell.volume                       ? 
_cell.volume_esd                   ? 
_cell.Z_PDB                        18 
_cell.reciprocal_angle_alpha       ? 
_cell.reciprocal_angle_beta        ? 
_cell.reciprocal_angle_gamma       ? 
_cell.reciprocal_angle_alpha_esd   ? 
_cell.reciprocal_angle_beta_esd    ? 
_cell.reciprocal_angle_gamma_esd   ? 
_cell.reciprocal_length_a          ? 
_cell.reciprocal_length_b          ? 
_cell.reciprocal_length_c          ? 
_cell.reciprocal_length_a_esd      ? 
_cell.reciprocal_length_b_esd      ? 
_cell.reciprocal_length_c_esd      ? 
_cell.pdbx_unique_axis             ? 
_cell.pdbx_esd_method              ? 
# 
_symmetry.entry_id                         9OKV 
_symmetry.cell_setting                     ? 
_symmetry.Int_Tables_number                155 
_symmetry.space_group_name_Hall            ? 
_symmetry.space_group_name_H-M             'H 3 2' 
_symmetry.pdbx_full_space_group_name_H-M   ? 
# 
_exptl.absorpt_coefficient_mu     ? 
_exptl.absorpt_correction_T_max   ? 
_exptl.absorpt_correction_T_min   ? 
_exptl.absorpt_correction_type    ? 
_exptl.absorpt_process_details    ? 
_exptl.entry_id                   9OKV 
_exptl.crystals_number            1 
_exptl.details                    ? 
_exptl.method                     'X-RAY DIFFRACTION' 
_exptl.method_details             ? 
# 
_exptl_crystal.colour                       ? 
_exptl_crystal.density_diffrn               ? 
_exptl_crystal.density_Matthews             1.99 
_exptl_crystal.density_method               ? 
_exptl_crystal.density_percent_sol          38.09 
_exptl_crystal.description                  ? 
_exptl_crystal.F_000                        ? 
_exptl_crystal.id                           1 
_exptl_crystal.preparation                  ? 
_exptl_crystal.size_max                     ? 
_exptl_crystal.size_mid                     ? 
_exptl_crystal.size_min                     ? 
_exptl_crystal.size_rad                     ? 
_exptl_crystal.colour_lustre                ? 
_exptl_crystal.colour_modifier              ? 
_exptl_crystal.colour_primary               ? 
_exptl_crystal.density_meas                 ? 
_exptl_crystal.density_meas_esd             ? 
_exptl_crystal.density_meas_gt              ? 
_exptl_crystal.density_meas_lt              ? 
_exptl_crystal.density_meas_temp            ? 
_exptl_crystal.density_meas_temp_esd        ? 
_exptl_crystal.density_meas_temp_gt         ? 
_exptl_crystal.density_meas_temp_lt         ? 
_exptl_crystal.pdbx_crystal_image_url       ? 
_exptl_crystal.pdbx_crystal_image_format    ? 
_exptl_crystal.pdbx_mosaicity               ? 
_exptl_crystal.pdbx_mosaicity_esd           ? 
_exptl_crystal.pdbx_mosaic_method           ? 
_exptl_crystal.pdbx_mosaic_block_size       ? 
_exptl_crystal.pdbx_mosaic_block_size_esd   ? 
# 
_exptl_crystal_grow.apparatus       ? 
_exptl_crystal_grow.atmosphere      ? 
_exptl_crystal_grow.crystal_id      1 
_exptl_crystal_grow.details         ? 
_exptl_crystal_grow.method          'VAPOR DIFFUSION, SITTING DROP' 
_exptl_crystal_grow.method_ref      ? 
_exptl_crystal_grow.pH              4.6 
_exptl_crystal_grow.pressure        ? 
_exptl_crystal_grow.pressure_esd    ? 
_exptl_crystal_grow.seeding         ? 
_exptl_crystal_grow.seeding_ref     ? 
_exptl_crystal_grow.temp_details    ? 
_exptl_crystal_grow.temp_esd        ? 
_exptl_crystal_grow.time            ? 
_exptl_crystal_grow.pdbx_details    
'0.02 M Calcium chloride dihydrate, 0.1 M Sodium acetate trihydrate pH 4.6, 30% v/v (+/-)-2-Methyl-2,4-pentanediol' 
_exptl_crystal_grow.pdbx_pH_range   ? 
_exptl_crystal_grow.temp            293 
# 
_diffrn.ambient_environment              ? 
_diffrn.ambient_temp                     99 
_diffrn.ambient_temp_details             ? 
_diffrn.ambient_temp_esd                 ? 
_diffrn.crystal_id                       1 
_diffrn.crystal_support                  ? 
_diffrn.crystal_treatment                ? 
_diffrn.details                          ? 
_diffrn.id                               1 
_diffrn.ambient_pressure                 ? 
_diffrn.ambient_pressure_esd             ? 
_diffrn.ambient_pressure_gt              ? 
_diffrn.ambient_pressure_lt              ? 
_diffrn.ambient_temp_gt                  ? 
_diffrn.ambient_temp_lt                  ? 
_diffrn.pdbx_serial_crystal_experiment   N 
# 
_diffrn_detector.details                      ? 
_diffrn_detector.detector                     PIXEL 
_diffrn_detector.diffrn_id                    1 
_diffrn_detector.type                         'DECTRIS PILATUS3 2M' 
_diffrn_detector.area_resol_mean              ? 
_diffrn_detector.dtime                        ? 
_diffrn_detector.pdbx_frames_total            ? 
_diffrn_detector.pdbx_collection_time_total   ? 
_diffrn_detector.pdbx_collection_date         2024-10-30 
_diffrn_detector.pdbx_frequency               ? 
_diffrn_detector.id                           ? 
_diffrn_detector.number_of_axes               ? 
# 
_diffrn_radiation.collimation                      ? 
_diffrn_radiation.diffrn_id                        1 
_diffrn_radiation.filter_edge                      ? 
_diffrn_radiation.inhomogeneity                    ? 
_diffrn_radiation.monochromator                    ? 
_diffrn_radiation.polarisn_norm                    ? 
_diffrn_radiation.polarisn_ratio                   ? 
_diffrn_radiation.probe                            ? 
_diffrn_radiation.type                             ? 
_diffrn_radiation.xray_symbol                      ? 
_diffrn_radiation.wavelength_id                    1 
_diffrn_radiation.pdbx_monochromatic_or_laue_m_l   M 
_diffrn_radiation.pdbx_wavelength_list             ? 
_diffrn_radiation.pdbx_wavelength                  ? 
_diffrn_radiation.pdbx_diffrn_protocol             'SINGLE WAVELENGTH' 
_diffrn_radiation.pdbx_analyzer                    ? 
_diffrn_radiation.pdbx_scattering_type             x-ray 
# 
_diffrn_radiation_wavelength.id           1 
_diffrn_radiation_wavelength.wavelength   0.97741 
_diffrn_radiation_wavelength.wt           1.0 
# 
_diffrn_source.current                     ? 
_diffrn_source.details                     ? 
_diffrn_source.diffrn_id                   1 
_diffrn_source.power                       ? 
_diffrn_source.size                        ? 
_diffrn_source.source                      SYNCHROTRON 
_diffrn_source.target                      ? 
_diffrn_source.type                        'ALS BEAMLINE 5.0.1' 
_diffrn_source.voltage                     ? 
_diffrn_source.take-off_angle              ? 
_diffrn_source.pdbx_wavelength_list        0.97741 
_diffrn_source.pdbx_wavelength             ? 
_diffrn_source.pdbx_synchrotron_beamline   5.0.1 
_diffrn_source.pdbx_synchrotron_site       ALS 
# 
_reflns.B_iso_Wilson_estimate                          ? 
_reflns.entry_id                                       9OKV 
_reflns.data_reduction_details                         ? 
_reflns.data_reduction_method                          ? 
_reflns.d_resolution_high                              1.23 
_reflns.d_resolution_low                               50 
_reflns.details                                        ? 
_reflns.limit_h_max                                    ? 
_reflns.limit_h_min                                    ? 
_reflns.limit_k_max                                    ? 
_reflns.limit_k_min                                    ? 
_reflns.limit_l_max                                    ? 
_reflns.limit_l_min                                    ? 
_reflns.number_all                                     ? 
_reflns.number_obs                                     11714 
_reflns.observed_criterion                             ? 
_reflns.observed_criterion_F_max                       ? 
_reflns.observed_criterion_F_min                       ? 
_reflns.observed_criterion_I_max                       ? 
_reflns.observed_criterion_I_min                       ? 
_reflns.observed_criterion_sigma_F                     ? 
_reflns.observed_criterion_sigma_I                     ? 
_reflns.percent_possible_obs                           96.2 
_reflns.R_free_details                                 ? 
_reflns.Rmerge_F_all                                   ? 
_reflns.Rmerge_F_obs                                   ? 
_reflns.Friedel_coverage                               ? 
_reflns.number_gt                                      ? 
_reflns.threshold_expression                           ? 
_reflns.pdbx_redundancy                                8.3 
_reflns.pdbx_netI_over_av_sigmaI                       ? 
_reflns.pdbx_netI_over_sigmaI                          52.0 
_reflns.pdbx_res_netI_over_av_sigmaI_2                 ? 
_reflns.pdbx_res_netI_over_sigmaI_2                    ? 
_reflns.pdbx_chi_squared                               0.910 
_reflns.pdbx_scaling_rejects                           ? 
_reflns.pdbx_d_res_high_opt                            ? 
_reflns.pdbx_d_res_low_opt                             ? 
_reflns.pdbx_d_res_opt_method                          ? 
_reflns.phase_calculation_details                      ? 
_reflns.pdbx_Rrim_I_all                                0.043 
_reflns.pdbx_Rpim_I_all                                0.014 
_reflns.pdbx_d_opt                                     ? 
_reflns.pdbx_number_measured_all                       ? 
_reflns.pdbx_diffrn_id                                 1 
_reflns.pdbx_ordinal                                   1 
_reflns.pdbx_CC_half                                   1.00 
_reflns.pdbx_CC_star                                   1.00 
_reflns.pdbx_R_split                                   ? 
_reflns.pdbx_Rmerge_I_obs                              0.040 
_reflns.pdbx_Rmerge_I_all                              ? 
_reflns.pdbx_Rsym_value                                ? 
_reflns.pdbx_CC_split_method                           ? 
_reflns.pdbx_aniso_diffraction_limit_axis_1_ortho[1]   ? 
_reflns.pdbx_aniso_diffraction_limit_axis_1_ortho[2]   ? 
_reflns.pdbx_aniso_diffraction_limit_axis_1_ortho[3]   ? 
_reflns.pdbx_aniso_diffraction_limit_axis_2_ortho[1]   ? 
_reflns.pdbx_aniso_diffraction_limit_axis_2_ortho[2]   ? 
_reflns.pdbx_aniso_diffraction_limit_axis_2_ortho[3]   ? 
_reflns.pdbx_aniso_diffraction_limit_axis_3_ortho[1]   ? 
_reflns.pdbx_aniso_diffraction_limit_axis_3_ortho[2]   ? 
_reflns.pdbx_aniso_diffraction_limit_axis_3_ortho[3]   ? 
_reflns.pdbx_aniso_diffraction_limit_1                 ? 
_reflns.pdbx_aniso_diffraction_limit_2                 ? 
_reflns.pdbx_aniso_diffraction_limit_3                 ? 
_reflns.pdbx_aniso_B_tensor_eigenvector_1_ortho[1]     ? 
_reflns.pdbx_aniso_B_tensor_eigenvector_1_ortho[2]     ? 
_reflns.pdbx_aniso_B_tensor_eigenvector_1_ortho[3]     ? 
_reflns.pdbx_aniso_B_tensor_eigenvector_2_ortho[1]     ? 
_reflns.pdbx_aniso_B_tensor_eigenvector_2_ortho[2]     ? 
_reflns.pdbx_aniso_B_tensor_eigenvector_2_ortho[3]     ? 
_reflns.pdbx_aniso_B_tensor_eigenvector_3_ortho[1]     ? 
_reflns.pdbx_aniso_B_tensor_eigenvector_3_ortho[2]     ? 
_reflns.pdbx_aniso_B_tensor_eigenvector_3_ortho[3]     ? 
_reflns.pdbx_aniso_B_tensor_eigenvalue_1               ? 
_reflns.pdbx_aniso_B_tensor_eigenvalue_2               ? 
_reflns.pdbx_aniso_B_tensor_eigenvalue_3               ? 
_reflns.pdbx_orthogonalization_convention              ? 
_reflns.pdbx_percent_possible_ellipsoidal              ? 
_reflns.pdbx_percent_possible_spherical                ? 
_reflns.pdbx_percent_possible_ellipsoidal_anomalous    ? 
_reflns.pdbx_percent_possible_spherical_anomalous      ? 
_reflns.pdbx_redundancy_anomalous                      ? 
_reflns.pdbx_CC_half_anomalous                         ? 
_reflns.pdbx_absDiff_over_sigma_anomalous              ? 
_reflns.pdbx_percent_possible_anomalous                ? 
_reflns.pdbx_observed_signal_threshold                 ? 
_reflns.pdbx_signal_type                               ? 
_reflns.pdbx_signal_details                            ? 
_reflns.pdbx_signal_software_id                        ? 
# 
_reflns_shell.d_res_high                                    1.23 
_reflns_shell.d_res_low                                     1.25 
_reflns_shell.meanI_over_sigI_all                           ? 
_reflns_shell.meanI_over_sigI_obs                           5.2 
_reflns_shell.number_measured_all                           ? 
_reflns_shell.number_measured_obs                           ? 
_reflns_shell.number_possible                               ? 
_reflns_shell.number_unique_all                             ? 
_reflns_shell.number_unique_obs                             388 
_reflns_shell.percent_possible_obs                          ? 
_reflns_shell.Rmerge_F_all                                  ? 
_reflns_shell.Rmerge_F_obs                                  ? 
_reflns_shell.meanI_over_sigI_gt                            ? 
_reflns_shell.meanI_over_uI_all                             ? 
_reflns_shell.meanI_over_uI_gt                              ? 
_reflns_shell.number_measured_gt                            ? 
_reflns_shell.number_unique_gt                              ? 
_reflns_shell.percent_possible_gt                           ? 
_reflns_shell.Rmerge_F_gt                                   ? 
_reflns_shell.Rmerge_I_gt                                   ? 
_reflns_shell.pdbx_redundancy                               3.4 
_reflns_shell.pdbx_chi_squared                              0.976 
_reflns_shell.pdbx_netI_over_sigmaI_all                     ? 
_reflns_shell.pdbx_netI_over_sigmaI_obs                     ? 
_reflns_shell.pdbx_Rrim_I_all                               0.251 
_reflns_shell.pdbx_Rpim_I_all                               0.127 
_reflns_shell.pdbx_rejects                                  ? 
_reflns_shell.pdbx_ordinal                                  1 
_reflns_shell.pdbx_diffrn_id                                1 
_reflns_shell.pdbx_CC_half                                  0.945 
_reflns_shell.pdbx_CC_star                                  0.986 
_reflns_shell.pdbx_R_split                                  ? 
_reflns_shell.percent_possible_all                          62.3 
_reflns_shell.Rmerge_I_all                                  ? 
_reflns_shell.Rmerge_I_obs                                  0.214 
_reflns_shell.pdbx_Rsym_value                               ? 
_reflns_shell.pdbx_percent_possible_ellipsoidal             ? 
_reflns_shell.pdbx_percent_possible_spherical               ? 
_reflns_shell.pdbx_percent_possible_ellipsoidal_anomalous   ? 
_reflns_shell.pdbx_percent_possible_spherical_anomalous     ? 
_reflns_shell.pdbx_redundancy_anomalous                     ? 
_reflns_shell.pdbx_CC_half_anomalous                        ? 
_reflns_shell.pdbx_absDiff_over_sigma_anomalous             ? 
_reflns_shell.pdbx_percent_possible_anomalous               ? 
# 
_refine.aniso_B[1][1]                            -0.003 
_refine.aniso_B[1][2]                            -0.002 
_refine.aniso_B[1][3]                            -0.000 
_refine.aniso_B[2][2]                            -0.003 
_refine.aniso_B[2][3]                            -0.000 
_refine.aniso_B[3][3]                            0.010 
_refine.B_iso_max                                ? 
_refine.B_iso_mean                               12.100 
_refine.B_iso_min                                ? 
_refine.correlation_coeff_Fo_to_Fc               0.974 
_refine.correlation_coeff_Fo_to_Fc_free          0.952 
_refine.details                                  'Hydrogens have been added in their riding positions' 
_refine.diff_density_max                         ? 
_refine.diff_density_max_esd                     ? 
_refine.diff_density_min                         ? 
_refine.diff_density_min_esd                     ? 
_refine.diff_density_rms                         ? 
_refine.diff_density_rms_esd                     ? 
_refine.entry_id                                 9OKV 
_refine.pdbx_refine_id                           'X-RAY DIFFRACTION' 
_refine.ls_abs_structure_details                 ? 
_refine.ls_abs_structure_Flack                   ? 
_refine.ls_abs_structure_Flack_esd               ? 
_refine.ls_abs_structure_Rogers                  ? 
_refine.ls_abs_structure_Rogers_esd              ? 
_refine.ls_d_res_high                            1.233 
_refine.ls_d_res_low                             41.458 
_refine.ls_extinction_coef                       ? 
_refine.ls_extinction_coef_esd                   ? 
_refine.ls_extinction_expression                 ? 
_refine.ls_extinction_method                     ? 
_refine.ls_goodness_of_fit_all                   ? 
_refine.ls_goodness_of_fit_all_esd               ? 
_refine.ls_goodness_of_fit_obs                   ? 
_refine.ls_goodness_of_fit_obs_esd               ? 
_refine.ls_hydrogen_treatment                    ? 
_refine.ls_matrix_type                           ? 
_refine.ls_number_constraints                    ? 
_refine.ls_number_parameters                     ? 
_refine.ls_number_reflns_all                     ? 
_refine.ls_number_reflns_obs                     11595 
_refine.ls_number_reflns_R_free                  586 
_refine.ls_number_reflns_R_work                  11009 
_refine.ls_number_restraints                     ? 
_refine.ls_percent_reflns_obs                    95.771 
_refine.ls_percent_reflns_R_free                 5.054 
_refine.ls_R_factor_all                          0.185 
_refine.ls_R_factor_obs                          ? 
_refine.ls_R_factor_R_free                       0.2273 
_refine.ls_R_factor_R_free_error                 ? 
_refine.ls_R_factor_R_free_error_details         ? 
_refine.ls_R_factor_R_work                       0.1834 
_refine.ls_R_Fsqd_factor_obs                     ? 
_refine.ls_R_I_factor_obs                        ? 
_refine.ls_redundancy_reflns_all                 ? 
_refine.ls_redundancy_reflns_obs                 ? 
_refine.ls_restrained_S_all                      ? 
_refine.ls_restrained_S_obs                      ? 
_refine.ls_shift_over_esd_max                    ? 
_refine.ls_shift_over_esd_mean                   ? 
_refine.ls_structure_factor_coef                 ? 
_refine.ls_weighting_details                     ? 
_refine.ls_weighting_scheme                      ? 
_refine.ls_wR_factor_all                         ? 
_refine.ls_wR_factor_obs                         ? 
_refine.ls_wR_factor_R_free                      ? 
_refine.ls_wR_factor_R_work                      ? 
_refine.occupancy_max                            ? 
_refine.occupancy_min                            ? 
_refine.solvent_model_details                    'MASK BULK SOLVENT' 
_refine.solvent_model_param_bsol                 ? 
_refine.solvent_model_param_ksol                 ? 
_refine.correlation_coeff_I_to_Fcsqd_work        ? 
_refine.correlation_coeff_I_to_Fcsqd_free        ? 
_refine.pdbx_R_complete                          ? 
_refine.ls_R_factor_gt                           ? 
_refine.ls_goodness_of_fit_gt                    ? 
_refine.ls_goodness_of_fit_ref                   ? 
_refine.ls_shift_over_su_max                     ? 
_refine.ls_shift_over_su_max_lt                  ? 
_refine.ls_shift_over_su_mean                    ? 
_refine.ls_shift_over_su_mean_lt                 ? 
_refine.pdbx_ls_sigma_I                          ? 
_refine.pdbx_ls_sigma_F                          ? 
_refine.pdbx_ls_sigma_Fsqd                       ? 
_refine.pdbx_data_cutoff_high_absF               ? 
_refine.pdbx_data_cutoff_high_rms_absF           ? 
_refine.pdbx_data_cutoff_low_absF                ? 
_refine.pdbx_isotropic_thermal_model             ? 
_refine.pdbx_ls_cross_valid_method               THROUGHOUT 
_refine.pdbx_method_to_determine_struct          'MOLECULAR REPLACEMENT' 
_refine.pdbx_starting_model                      ? 
_refine.pdbx_stereochemistry_target_values       ? 
_refine.pdbx_R_Free_selection_details            ? 
_refine.pdbx_stereochem_target_val_spec_case     ? 
_refine.pdbx_overall_ESU_R                       0.051 
_refine.pdbx_overall_ESU_R_Free                  0.058 
_refine.pdbx_solvent_vdw_probe_radii             1.200 
_refine.pdbx_solvent_ion_probe_radii             0.800 
_refine.pdbx_solvent_shrinkage_radii             0.800 
_refine.pdbx_real_space_R                        ? 
_refine.pdbx_density_correlation                 ? 
_refine.pdbx_pd_number_of_powder_patterns        ? 
_refine.pdbx_pd_number_of_points                 ? 
_refine.pdbx_pd_meas_number_of_points            ? 
_refine.pdbx_pd_proc_ls_prof_R_factor            ? 
_refine.pdbx_pd_proc_ls_prof_wR_factor           ? 
_refine.pdbx_pd_Marquardt_correlation_coeff      ? 
_refine.pdbx_pd_Fsqrd_R_factor                   ? 
_refine.pdbx_pd_ls_matrix_band_width             ? 
_refine.pdbx_overall_phase_error                 ? 
_refine.pdbx_overall_SU_R_free_Cruickshank_DPI   ? 
_refine.pdbx_overall_SU_R_free_Blow_DPI          ? 
_refine.pdbx_overall_SU_R_Blow_DPI               ? 
_refine.pdbx_TLS_residual_ADP_flag               ? 
_refine.pdbx_diffrn_id                           1 
_refine.overall_SU_B                             0.785 
_refine.overall_SU_ML                            0.035 
_refine.overall_SU_R_Cruickshank_DPI             ? 
_refine.overall_SU_R_free                        ? 
_refine.overall_FOM_free_R_set                   ? 
_refine.overall_FOM_work_R_set                   ? 
_refine.pdbx_average_fsc_overall                 ? 
_refine.pdbx_average_fsc_work                    ? 
_refine.pdbx_average_fsc_free                    ? 
# 
_refine_hist.pdbx_refine_id                   'X-RAY DIFFRACTION' 
_refine_hist.cycle_id                         LAST 
_refine_hist.details                          ? 
_refine_hist.d_res_high                       1.233 
_refine_hist.d_res_low                        41.458 
_refine_hist.number_atoms_solvent             107 
_refine_hist.number_atoms_total               442 
_refine_hist.number_reflns_all                ? 
_refine_hist.number_reflns_obs                ? 
_refine_hist.number_reflns_R_free             ? 
_refine_hist.number_reflns_R_work             ? 
_refine_hist.R_factor_all                     ? 
_refine_hist.R_factor_obs                     ? 
_refine_hist.R_factor_R_free                  ? 
_refine_hist.R_factor_R_work                  ? 
_refine_hist.pdbx_number_residues_total       ? 
_refine_hist.pdbx_B_iso_mean_ligand           ? 
_refine_hist.pdbx_B_iso_mean_solvent          ? 
_refine_hist.pdbx_number_atoms_protein        0 
_refine_hist.pdbx_number_atoms_nucleic_acid   335 
_refine_hist.pdbx_number_atoms_ligand         0 
_refine_hist.pdbx_number_atoms_lipid          ? 
_refine_hist.pdbx_number_atoms_carb           ? 
_refine_hist.pdbx_pseudo_atom_details         ? 
# 
loop_
_refine_ls_restr.pdbx_refine_id 
_refine_ls_restr.criterion 
_refine_ls_restr.dev_ideal 
_refine_ls_restr.dev_ideal_target 
_refine_ls_restr.number 
_refine_ls_restr.rejects 
_refine_ls_restr.type 
_refine_ls_restr.weight 
_refine_ls_restr.pdbx_Zscore 
_refine_ls_restr.pdbx_restraint_function 
'X-RAY DIFFRACTION' ? 0.013 0.012  372 ? r_bond_refined_d               ? ? ? 
'X-RAY DIFFRACTION' ? 0.025 0.019  157 ? r_bond_other_d                 ? ? ? 
'X-RAY DIFFRACTION' ? 2.044 1.890  572 ? r_angle_refined_deg            ? ? ? 
'X-RAY DIFFRACTION' ? 0.828 1.771  384 ? r_angle_other_deg              ? ? ? 
'X-RAY DIFFRACTION' ? 0.059 5.000  11  ? r_dihedral_angle_other_2_deg   ? ? ? 
'X-RAY DIFFRACTION' ? 0.084 0.200  76  ? r_chiral_restr                 ? ? ? 
'X-RAY DIFFRACTION' ? 0.220 0.200  2   ? r_chiral_restr_other           ? ? ? 
'X-RAY DIFFRACTION' ? 0.030 0.020  185 ? r_gen_planes_refined           ? ? ? 
'X-RAY DIFFRACTION' ? 0.001 0.020  59  ? r_gen_planes_other             ? ? ? 
'X-RAY DIFFRACTION' ? 0.420 0.200  47  ? r_nbd_refined                  ? ? ? 
'X-RAY DIFFRACTION' ? 0.276 0.200  166 ? r_symmetry_nbd_other           ? ? ? 
'X-RAY DIFFRACTION' ? 0.242 0.200  149 ? r_nbtor_refined                ? ? ? 
'X-RAY DIFFRACTION' ? 0.073 0.200  95  ? r_symmetry_nbtor_other         ? ? ? 
'X-RAY DIFFRACTION' ? 0.295 0.200  99  ? r_xyhbond_nbd_refined          ? ? ? 
'X-RAY DIFFRACTION' ? 0.082 0.200  14  ? r_symmetry_nbd_refined         ? ? ? 
'X-RAY DIFFRACTION' ? 0.130 0.200  69  ? r_nbd_other                    ? ? ? 
'X-RAY DIFFRACTION' ? 0.228 0.200  48  ? r_symmetry_xyhbond_nbd_refined ? ? ? 
'X-RAY DIFFRACTION' ? 1.134 1.411  372 ? r_scbond_it                    ? ? ? 
'X-RAY DIFFRACTION' ? 1.133 1.410  373 ? r_scbond_other                 ? ? ? 
'X-RAY DIFFRACTION' ? 1.567 2.564  572 ? r_scangle_it                   ? ? ? 
'X-RAY DIFFRACTION' ? 1.566 2.562  573 ? r_scangle_other                ? ? ? 
'X-RAY DIFFRACTION' ? 5.831 25.251 606 ? r_lrange_it                    ? ? ? 
'X-RAY DIFFRACTION' ? 4.898 20.698 545 ? r_lrange_other                 ? ? ? 
# 
loop_
_refine_ls_shell.pdbx_refine_id 
_refine_ls_shell.d_res_high 
_refine_ls_shell.d_res_low 
_refine_ls_shell.number_reflns_all 
_refine_ls_shell.number_reflns_obs 
_refine_ls_shell.number_reflns_R_free 
_refine_ls_shell.number_reflns_R_work 
_refine_ls_shell.percent_reflns_obs 
_refine_ls_shell.percent_reflns_R_free 
_refine_ls_shell.R_factor_all 
_refine_ls_shell.R_factor_obs 
_refine_ls_shell.R_factor_R_free_error 
_refine_ls_shell.R_factor_R_work 
_refine_ls_shell.redundancy_reflns_all 
_refine_ls_shell.redundancy_reflns_obs 
_refine_ls_shell.wR_factor_all 
_refine_ls_shell.wR_factor_obs 
_refine_ls_shell.wR_factor_R_free 
_refine_ls_shell.wR_factor_R_work 
_refine_ls_shell.pdbx_R_complete 
_refine_ls_shell.correlation_coeff_Fo_to_Fc 
_refine_ls_shell.correlation_coeff_Fo_to_Fc_free 
_refine_ls_shell.correlation_coeff_I_to_Fcsqd_work 
_refine_ls_shell.correlation_coeff_I_to_Fcsqd_free 
_refine_ls_shell.pdbx_total_number_of_bins_used 
_refine_ls_shell.pdbx_phase_error 
_refine_ls_shell.pdbx_fsc_work 
_refine_ls_shell.pdbx_fsc_free 
_refine_ls_shell.R_factor_R_free 
'X-RAY DIFFRACTION' 1.233 1.265  862 . 26 505 61.6009  . 0.265 . . 0.264 . . . . . 0.233 . . . . . 20 . 0.953 0.939 0.282 
'X-RAY DIFFRACTION' 1.265 1.299  873 . 41 691 83.8488  . 0.246 . . 0.241 . . . . . 0.209 . . . . . 20 . 0.962 0.941 0.348 
'X-RAY DIFFRACTION' 1.299 1.337  827 . 37 755 95.7678  . 0.235 . . 0.233 . . . . . 0.202 . . . . . 20 . 0.965 0.954 0.288 
'X-RAY DIFFRACTION' 1.337 1.378  813 . 42 771 100.0000 . 0.238 . . 0.236 . . . . . 0.205 . . . . . 20 . 0.963 0.953 0.262 
'X-RAY DIFFRACTION' 1.378 1.423  782 . 44 738 100.0000 . 0.218 . . 0.212 . . . . . 0.187 . . . . . 20 . 0.971 0.926 0.351 
'X-RAY DIFFRACTION' 1.423 1.473  769 . 54 715 100.0000 . 0.210 . . 0.205 . . . . . 0.185 . . . . . 20 . 0.973 0.956 0.287 
'X-RAY DIFFRACTION' 1.473 1.529  728 . 39 688 99.8626  . 0.207 . . 0.205 . . . . . 0.190 . . . . . 20 . 0.974 0.967 0.237 
'X-RAY DIFFRACTION' 1.529 1.591  712 . 26 686 100.0000 . 0.173 . . 0.171 . . . . . 0.167 . . . . . 20 . 0.981 0.966 0.244 
'X-RAY DIFFRACTION' 1.591 1.662  677 . 35 642 100.0000 . 0.183 . . 0.181 . . . . . 0.184 . . . . . 20 . 0.981 0.957 0.223 
'X-RAY DIFFRACTION' 1.662 1.742  647 . 31 616 100.0000 . 0.186 . . 0.184 . . . . . 0.191 . . . . . 20 . 0.980 0.970 0.234 
'X-RAY DIFFRACTION' 1.742 1.837  641 . 27 614 100.0000 . 0.187 . . 0.186 . . . . . 0.198 . . . . . 20 . 0.978 0.974 0.193 
'X-RAY DIFFRACTION' 1.837 1.948  584 . 18 566 100.0000 . 0.204 . . 0.203 . . . . . 0.221 . . . . . 20 . 0.974 0.971 0.244 
'X-RAY DIFFRACTION' 1.948 2.082  562 . 36 526 100.0000 . 0.191 . . 0.189 . . . . . 0.215 . . . . . 20 . 0.977 0.962 0.231 
'X-RAY DIFFRACTION' 2.082 2.248  523 . 19 504 100.0000 . 0.203 . . 0.205 . . . . . 0.238 . . . . . 20 . 0.973 0.982 0.155 
'X-RAY DIFFRACTION' 2.248 2.462  481 . 24 457 100.0000 . 0.196 . . 0.192 . . . . . 0.230 . . . . . 20 . 0.977 0.956 0.290 
'X-RAY DIFFRACTION' 2.462 2.751  447 . 25 422 100.0000 . 0.185 . . 0.183 . . . . . 0.235 . . . . . 20 . 0.980 0.974 0.212 
'X-RAY DIFFRACTION' 2.751 3.175  396 . 22 373 99.7475  . 0.171 . . 0.169 . . . . . 0.230 . . . . . 20 . 0.984 0.977 0.193 
'X-RAY DIFFRACTION' 3.175 3.883  333 . 15 315 99.0991  . 0.140 . . 0.139 . . . . . 0.213 . . . . . 20 . 0.989 0.978 0.182 
'X-RAY DIFFRACTION' 3.883 5.467  278 . 18 260 100.0000 . 0.148 . . 0.143 . . . . . 0.209 . . . . . 20 . 0.988 0.965 0.248 
'X-RAY DIFFRACTION' 5.467 41.458 172 . 7  165 100.0000 . 0.202 . . 0.205 . . . . . 0.311 . . . . . 20 . 0.973 0.986 0.143 
# 
_struct.entry_id                     9OKV 
_struct.title                        '16mer self-complementary duplex RNA with dA:s(2)U pair sequence 2' 
_struct.pdbx_model_details           ? 
_struct.pdbx_formula_weight          ? 
_struct.pdbx_formula_weight_method   ? 
_struct.pdbx_model_type_details      ? 
_struct.pdbx_CASP_flag               N 
# 
_struct_keywords.entry_id        9OKV 
_struct_keywords.text            'Deoxyribo-purine, 2-thiouridine, RNA duplex, Origin of Life, RNA' 
_struct_keywords.pdbx_keywords   RNA 
# 
loop_
_struct_asym.id 
_struct_asym.pdbx_blank_PDB_chainid_flag 
_struct_asym.pdbx_modified 
_struct_asym.entity_id 
_struct_asym.details 
A N N 1 ? 
B N N 2 ? 
# 
_struct_ref.id                         1 
_struct_ref.db_name                    PDB 
_struct_ref.db_code                    9OKV 
_struct_ref.pdbx_db_accession          9OKV 
_struct_ref.pdbx_db_isoform            ? 
_struct_ref.entity_id                  1 
_struct_ref.pdbx_seq_one_letter_code   ? 
_struct_ref.pdbx_align_begin           1 
# 
_struct_ref_seq.align_id                      1 
_struct_ref_seq.ref_id                        1 
_struct_ref_seq.pdbx_PDB_id_code              9OKV 
_struct_ref_seq.pdbx_strand_id                A 
_struct_ref_seq.seq_align_beg                 1 
_struct_ref_seq.pdbx_seq_align_beg_ins_code   ? 
_struct_ref_seq.seq_align_end                 16 
_struct_ref_seq.pdbx_seq_align_end_ins_code   ? 
_struct_ref_seq.pdbx_db_accession             9OKV 
_struct_ref_seq.db_align_beg                  1 
_struct_ref_seq.pdbx_db_align_beg_ins_code    ? 
_struct_ref_seq.db_align_end                  16 
_struct_ref_seq.pdbx_db_align_end_ins_code    ? 
_struct_ref_seq.pdbx_auth_seq_align_beg       1 
_struct_ref_seq.pdbx_auth_seq_align_end       16 
# 
_pdbx_struct_assembly.id                   1 
_pdbx_struct_assembly.details              author_and_software_defined_assembly 
_pdbx_struct_assembly.method_details       PISA 
_pdbx_struct_assembly.oligomeric_details   dimeric 
_pdbx_struct_assembly.oligomeric_count     2 
# 
loop_
_pdbx_struct_assembly_prop.biol_id 
_pdbx_struct_assembly_prop.type 
_pdbx_struct_assembly_prop.value 
_pdbx_struct_assembly_prop.details 
1 'ABSA (A^2)' 2690 ? 
1 MORE         1    ? 
1 'SSA (A^2)'  5550 ? 
# 
_pdbx_struct_assembly_gen.assembly_id       1 
_pdbx_struct_assembly_gen.oper_expression   1,2 
_pdbx_struct_assembly_gen.asym_id_list      A,B 
# 
_pdbx_struct_assembly_auth_evidence.id                     1 
_pdbx_struct_assembly_auth_evidence.assembly_id            1 
_pdbx_struct_assembly_auth_evidence.experimental_support   none 
_pdbx_struct_assembly_auth_evidence.details                ? 
# 
loop_
_pdbx_struct_oper_list.id 
_pdbx_struct_oper_list.type 
_pdbx_struct_oper_list.name 
_pdbx_struct_oper_list.symmetry_operation 
_pdbx_struct_oper_list.matrix[1][1] 
_pdbx_struct_oper_list.matrix[1][2] 
_pdbx_struct_oper_list.matrix[1][3] 
_pdbx_struct_oper_list.vector[1] 
_pdbx_struct_oper_list.matrix[2][1] 
_pdbx_struct_oper_list.matrix[2][2] 
_pdbx_struct_oper_list.matrix[2][3] 
_pdbx_struct_oper_list.vector[2] 
_pdbx_struct_oper_list.matrix[3][1] 
_pdbx_struct_oper_list.matrix[3][2] 
_pdbx_struct_oper_list.matrix[3][3] 
_pdbx_struct_oper_list.vector[3] 
1 'identity operation'         1_555 x,y,z  1.0000000000 0.0000000000  0.0000000000  0.0000000000 0.0000000000  1.0000000000  0.0000000000 0.0000000000 0.0000000000  0.0000000000 1.0000000000  0.0000000000 
2 'crystal symmetry operation' 4_555 y,x,-z 0.4660767070 -0.4337707341 -0.7711131262 1.9137244957 -0.4337707341 -0.8716594781 0.2281506181 2.6255133109 -0.7711131262 0.2281506181 -0.5944172290 2.1615454511 
# 
loop_
_struct_conn.id 
_struct_conn.conn_type_id 
_struct_conn.pdbx_leaving_atom_flag 
_struct_conn.pdbx_PDB_id 
_struct_conn.ptnr1_label_asym_id 
_struct_conn.ptnr1_label_comp_id 
_struct_conn.ptnr1_label_seq_id 
_struct_conn.ptnr1_label_atom_id 
_struct_conn.pdbx_ptnr1_label_alt_id 
_struct_conn.pdbx_ptnr1_PDB_ins_code 
_struct_conn.pdbx_ptnr1_standard_comp_id 
_struct_conn.ptnr1_symmetry 
_struct_conn.ptnr2_label_asym_id 
_struct_conn.ptnr2_label_comp_id 
_struct_conn.ptnr2_label_seq_id 
_struct_conn.ptnr2_label_atom_id 
_struct_conn.pdbx_ptnr2_label_alt_id 
_struct_conn.pdbx_ptnr2_PDB_ins_code 
_struct_conn.ptnr1_auth_asym_id 
_struct_conn.ptnr1_auth_comp_id 
_struct_conn.ptnr1_auth_seq_id 
_struct_conn.ptnr2_auth_asym_id 
_struct_conn.ptnr2_auth_comp_id 
_struct_conn.ptnr2_auth_seq_id 
_struct_conn.ptnr2_symmetry 
_struct_conn.pdbx_ptnr3_label_atom_id 
_struct_conn.pdbx_ptnr3_label_seq_id 
_struct_conn.pdbx_ptnr3_label_comp_id 
_struct_conn.pdbx_ptnr3_label_asym_id 
_struct_conn.pdbx_ptnr3_label_alt_id 
_struct_conn.pdbx_ptnr3_PDB_ins_code 
_struct_conn.details 
_struct_conn.pdbx_dist_value 
_struct_conn.pdbx_value_order 
_struct_conn.pdbx_role 
covale1  covale both ? A DA  8  "O3'" ? ? ? 1_555 A SUR 9  P  ? ? A DA  8  A SUR 9  1_555 ? ? ? ? ? ? ?            1.647 ? ? 
covale2  covale both ? A SUR 9  "O3'" ? ? ? 1_555 A C   10 P  ? ? A SUR 9  A C   10 1_555 ? ? ? ? ? ? ?            1.546 ? ? 
hydrog1  hydrog ?    ? A A   1  N1    ? ? ? 1_555 A U   16 N3 ? ? A A   1  A U   16 4_555 ? ? ? ? ? ? WATSON-CRICK ?     ? ? 
hydrog2  hydrog ?    ? A A   1  N6    ? ? ? 1_555 A U   16 O4 ? ? A A   1  A U   16 4_555 ? ? ? ? ? ? WATSON-CRICK ?     ? ? 
hydrog3  hydrog ?    ? A G   2  N1    ? ? ? 1_555 A C   15 N3 ? ? A G   2  A C   15 4_555 ? ? ? ? ? ? WATSON-CRICK ?     ? ? 
hydrog4  hydrog ?    ? A G   2  N2    ? ? ? 1_555 A C   15 O2 ? ? A G   2  A C   15 4_555 ? ? ? ? ? ? WATSON-CRICK ?     ? ? 
hydrog5  hydrog ?    ? A G   2  O6    ? ? ? 1_555 A C   15 N4 ? ? A G   2  A C   15 4_555 ? ? ? ? ? ? WATSON-CRICK ?     ? ? 
hydrog6  hydrog ?    ? A A   3  N1    ? ? ? 1_555 A U   14 N3 ? ? A A   3  A U   14 4_555 ? ? ? ? ? ? WATSON-CRICK ?     ? ? 
hydrog7  hydrog ?    ? A A   3  N6    ? ? ? 1_555 A U   14 O4 ? ? A A   3  A U   14 4_555 ? ? ? ? ? ? WATSON-CRICK ?     ? ? 
hydrog8  hydrog ?    ? A G   4  N1    ? ? ? 1_555 A C   13 N3 ? ? A G   4  A C   13 4_555 ? ? ? ? ? ? WATSON-CRICK ?     ? ? 
hydrog9  hydrog ?    ? A G   4  N2    ? ? ? 1_555 A C   13 O2 ? ? A G   4  A C   13 4_555 ? ? ? ? ? ? WATSON-CRICK ?     ? ? 
hydrog10 hydrog ?    ? A G   4  O6    ? ? ? 1_555 A C   13 N4 ? ? A G   4  A C   13 4_555 ? ? ? ? ? ? WATSON-CRICK ?     ? ? 
hydrog11 hydrog ?    ? A A   5  N1    ? ? ? 1_555 A U   12 N3 ? ? A A   5  A U   12 4_555 ? ? ? ? ? ? WATSON-CRICK ?     ? ? 
hydrog12 hydrog ?    ? A A   5  N6    ? ? ? 1_555 A U   12 O4 ? ? A A   5  A U   12 4_555 ? ? ? ? ? ? WATSON-CRICK ?     ? ? 
hydrog13 hydrog ?    ? A A   6  N1    ? ? ? 1_555 A U   11 N3 ? ? A A   6  A U   11 4_555 ? ? ? ? ? ? WATSON-CRICK ?     ? ? 
hydrog14 hydrog ?    ? A A   6  N6    ? ? ? 1_555 A U   11 O4 ? ? A A   6  A U   11 4_555 ? ? ? ? ? ? WATSON-CRICK ?     ? ? 
hydrog15 hydrog ?    ? A G   7  N1    ? ? ? 1_555 A C   10 N3 ? ? A G   7  A C   10 4_555 ? ? ? ? ? ? WATSON-CRICK ?     ? ? 
hydrog16 hydrog ?    ? A G   7  N2    ? ? ? 1_555 A C   10 O2 ? ? A G   7  A C   10 4_555 ? ? ? ? ? ? WATSON-CRICK ?     ? ? 
hydrog17 hydrog ?    ? A G   7  O6    ? ? ? 1_555 A C   10 N4 ? ? A G   7  A C   10 4_555 ? ? ? ? ? ? WATSON-CRICK ?     ? ? 
hydrog18 hydrog ?    ? A DA  8  N1    ? ? ? 1_555 A SUR 9  N3 ? ? A DA  8  A SUR 9  4_555 ? ? ? ? ? ? WATSON-CRICK ?     ? ? 
hydrog19 hydrog ?    ? A DA  8  N6    ? ? ? 1_555 A SUR 9  O4 ? ? A DA  8  A SUR 9  4_555 ? ? ? ? ? ? WATSON-CRICK ?     ? ? 
hydrog20 hydrog ?    ? A SUR 9  N3    ? ? ? 1_555 A DA  8  N1 ? ? A SUR 9  A DA  8  4_555 ? ? ? ? ? ? WATSON-CRICK ?     ? ? 
hydrog21 hydrog ?    ? A SUR 9  O4    ? ? ? 1_555 A DA  8  N6 ? ? A SUR 9  A DA  8  4_555 ? ? ? ? ? ? WATSON-CRICK ?     ? ? 
hydrog22 hydrog ?    ? A C   10 N3    ? ? ? 1_555 A G   7  N1 ? ? A C   10 A G   7  4_555 ? ? ? ? ? ? WATSON-CRICK ?     ? ? 
hydrog23 hydrog ?    ? A C   10 N4    ? ? ? 1_555 A G   7  O6 ? ? A C   10 A G   7  4_555 ? ? ? ? ? ? WATSON-CRICK ?     ? ? 
hydrog24 hydrog ?    ? A C   10 O2    ? ? ? 1_555 A G   7  N2 ? ? A C   10 A G   7  4_555 ? ? ? ? ? ? WATSON-CRICK ?     ? ? 
hydrog25 hydrog ?    ? A U   11 N3    ? ? ? 1_555 A A   6  N1 ? ? A U   11 A A   6  4_555 ? ? ? ? ? ? WATSON-CRICK ?     ? ? 
hydrog26 hydrog ?    ? A U   11 O4    ? ? ? 1_555 A A   6  N6 ? ? A U   11 A A   6  4_555 ? ? ? ? ? ? WATSON-CRICK ?     ? ? 
hydrog27 hydrog ?    ? A U   12 N3    ? ? ? 1_555 A A   5  N1 ? ? A U   12 A A   5  4_555 ? ? ? ? ? ? WATSON-CRICK ?     ? ? 
hydrog28 hydrog ?    ? A U   12 O4    ? ? ? 1_555 A A   5  N6 ? ? A U   12 A A   5  4_555 ? ? ? ? ? ? WATSON-CRICK ?     ? ? 
hydrog29 hydrog ?    ? A C   13 N3    ? ? ? 1_555 A G   4  N1 ? ? A C   13 A G   4  4_555 ? ? ? ? ? ? WATSON-CRICK ?     ? ? 
hydrog30 hydrog ?    ? A C   13 N4    ? ? ? 1_555 A G   4  O6 ? ? A C   13 A G   4  4_555 ? ? ? ? ? ? WATSON-CRICK ?     ? ? 
hydrog31 hydrog ?    ? A C   13 O2    ? ? ? 1_555 A G   4  N2 ? ? A C   13 A G   4  4_555 ? ? ? ? ? ? WATSON-CRICK ?     ? ? 
hydrog32 hydrog ?    ? A U   14 N3    ? ? ? 1_555 A A   3  N1 ? ? A U   14 A A   3  4_555 ? ? ? ? ? ? WATSON-CRICK ?     ? ? 
hydrog33 hydrog ?    ? A U   14 O4    ? ? ? 1_555 A A   3  N6 ? ? A U   14 A A   3  4_555 ? ? ? ? ? ? WATSON-CRICK ?     ? ? 
hydrog34 hydrog ?    ? A C   15 N3    ? ? ? 1_555 A G   2  N1 ? ? A C   15 A G   2  4_555 ? ? ? ? ? ? WATSON-CRICK ?     ? ? 
hydrog35 hydrog ?    ? A C   15 N4    ? ? ? 1_555 A G   2  O6 ? ? A C   15 A G   2  4_555 ? ? ? ? ? ? WATSON-CRICK ?     ? ? 
hydrog36 hydrog ?    ? A C   15 O2    ? ? ? 1_555 A G   2  N2 ? ? A C   15 A G   2  4_555 ? ? ? ? ? ? WATSON-CRICK ?     ? ? 
hydrog37 hydrog ?    ? A U   16 N3    ? ? ? 1_555 A A   1  N1 ? ? A U   16 A A   1  4_555 ? ? ? ? ? ? WATSON-CRICK ?     ? ? 
hydrog38 hydrog ?    ? A U   16 O4    ? ? ? 1_555 A A   1  N6 ? ? A U   16 A A   1  4_555 ? ? ? ? ? ? WATSON-CRICK ?     ? ? 
# 
loop_
_struct_conn_type.id 
_struct_conn_type.criteria 
_struct_conn_type.reference 
covale ? ? 
hydrog ? ? 
# 
_pdbx_entry_details.entry_id                   9OKV 
_pdbx_entry_details.nonpolymer_details         ? 
_pdbx_entry_details.sequence_details           ? 
_pdbx_entry_details.compound_details           ? 
_pdbx_entry_details.source_details             ? 
_pdbx_entry_details.has_ligand_of_interest     Y 
_pdbx_entry_details.has_protein_modification   N 
# 
loop_
_pdbx_validate_close_contact.id 
_pdbx_validate_close_contact.PDB_model_num 
_pdbx_validate_close_contact.auth_atom_id_1 
_pdbx_validate_close_contact.auth_asym_id_1 
_pdbx_validate_close_contact.auth_comp_id_1 
_pdbx_validate_close_contact.auth_seq_id_1 
_pdbx_validate_close_contact.PDB_ins_code_1 
_pdbx_validate_close_contact.label_alt_id_1 
_pdbx_validate_close_contact.auth_atom_id_2 
_pdbx_validate_close_contact.auth_asym_id_2 
_pdbx_validate_close_contact.auth_comp_id_2 
_pdbx_validate_close_contact.auth_seq_id_2 
_pdbx_validate_close_contact.PDB_ins_code_2 
_pdbx_validate_close_contact.label_alt_id_2 
_pdbx_validate_close_contact.dist 
1  1 O   A HOH 134 ? ? O A HOH 207 ? ? 1.92 
2  1 O   A HOH 134 ? ? O A HOH 185 ? ? 1.95 
3  1 O   A HOH 107 ? ? O A HOH 132 ? ? 1.96 
4  1 O   A HOH 119 ? ? O A HOH 205 ? ? 1.97 
5  1 O   A HOH 121 ? ? O A HOH 153 ? ? 2.01 
6  1 OP1 A U   16  ? ? O A HOH 101 ? ? 2.04 
7  1 O   A HOH 157 ? ? O A HOH 197 ? ? 2.12 
8  1 O   A HOH 102 ? ? O A HOH 155 ? ? 2.15 
9  1 OP1 A U   14  ? ? O A HOH 102 ? ? 2.16 
10 1 O   A HOH 101 ? ? O A HOH 187 ? ? 2.19 
# 
_pdbx_validate_symm_contact.id                1 
_pdbx_validate_symm_contact.PDB_model_num     1 
_pdbx_validate_symm_contact.auth_atom_id_1    O 
_pdbx_validate_symm_contact.auth_asym_id_1    A 
_pdbx_validate_symm_contact.auth_comp_id_1    HOH 
_pdbx_validate_symm_contact.auth_seq_id_1     104 
_pdbx_validate_symm_contact.PDB_ins_code_1    ? 
_pdbx_validate_symm_contact.label_alt_id_1    ? 
_pdbx_validate_symm_contact.site_symmetry_1   1_555 
_pdbx_validate_symm_contact.auth_atom_id_2    O 
_pdbx_validate_symm_contact.auth_asym_id_2    A 
_pdbx_validate_symm_contact.auth_comp_id_2    HOH 
_pdbx_validate_symm_contact.auth_seq_id_2     151 
_pdbx_validate_symm_contact.PDB_ins_code_2    ? 
_pdbx_validate_symm_contact.label_alt_id_2    ? 
_pdbx_validate_symm_contact.site_symmetry_2   4_555 
_pdbx_validate_symm_contact.dist              1.90 
# 
_pdbx_validate_rmsd_angle.id                         1 
_pdbx_validate_rmsd_angle.PDB_model_num              1 
_pdbx_validate_rmsd_angle.auth_atom_id_1             "O5'" 
_pdbx_validate_rmsd_angle.auth_asym_id_1             A 
_pdbx_validate_rmsd_angle.auth_comp_id_1             G 
_pdbx_validate_rmsd_angle.auth_seq_id_1              7 
_pdbx_validate_rmsd_angle.PDB_ins_code_1             ? 
_pdbx_validate_rmsd_angle.label_alt_id_1             ? 
_pdbx_validate_rmsd_angle.auth_atom_id_2             P 
_pdbx_validate_rmsd_angle.auth_asym_id_2             A 
_pdbx_validate_rmsd_angle.auth_comp_id_2             G 
_pdbx_validate_rmsd_angle.auth_seq_id_2              7 
_pdbx_validate_rmsd_angle.PDB_ins_code_2             ? 
_pdbx_validate_rmsd_angle.label_alt_id_2             ? 
_pdbx_validate_rmsd_angle.auth_atom_id_3             OP2 
_pdbx_validate_rmsd_angle.auth_asym_id_3             A 
_pdbx_validate_rmsd_angle.auth_comp_id_3             G 
_pdbx_validate_rmsd_angle.auth_seq_id_3              7 
_pdbx_validate_rmsd_angle.PDB_ins_code_3             ? 
_pdbx_validate_rmsd_angle.label_alt_id_3             ? 
_pdbx_validate_rmsd_angle.angle_value                99.81 
_pdbx_validate_rmsd_angle.angle_target_value         105.70 
_pdbx_validate_rmsd_angle.angle_deviation            -5.89 
_pdbx_validate_rmsd_angle.angle_standard_deviation   0.90 
_pdbx_validate_rmsd_angle.linker_flag                N 
# 
_pdbx_validate_planes.id              1 
_pdbx_validate_planes.PDB_model_num   1 
_pdbx_validate_planes.auth_comp_id    C 
_pdbx_validate_planes.auth_asym_id    A 
_pdbx_validate_planes.auth_seq_id     15 
_pdbx_validate_planes.PDB_ins_code    ? 
_pdbx_validate_planes.label_alt_id    ? 
_pdbx_validate_planes.rmsd            0.068 
_pdbx_validate_planes.type            'SIDE CHAIN' 
# 
loop_
_pdbx_struct_special_symmetry.id 
_pdbx_struct_special_symmetry.PDB_model_num 
_pdbx_struct_special_symmetry.auth_asym_id 
_pdbx_struct_special_symmetry.auth_comp_id 
_pdbx_struct_special_symmetry.auth_seq_id 
_pdbx_struct_special_symmetry.PDB_ins_code 
_pdbx_struct_special_symmetry.label_asym_id 
_pdbx_struct_special_symmetry.label_comp_id 
_pdbx_struct_special_symmetry.label_seq_id 
1 1 A HOH 108 ? B HOH . 
2 1 A HOH 124 ? B HOH . 
3 1 A HOH 163 ? B HOH . 
4 1 A HOH 188 ? B HOH . 
5 1 A HOH 194 ? B HOH . 
# 
loop_
_chem_comp_atom.comp_id 
_chem_comp_atom.atom_id 
_chem_comp_atom.type_symbol 
_chem_comp_atom.pdbx_aromatic_flag 
_chem_comp_atom.pdbx_stereo_config 
_chem_comp_atom.pdbx_ordinal 
A   OP3    O N N 1   
A   P      P N N 2   
A   OP1    O N N 3   
A   OP2    O N N 4   
A   "O5'"  O N N 5   
A   "C5'"  C N N 6   
A   "C4'"  C N R 7   
A   "O4'"  O N N 8   
A   "C3'"  C N S 9   
A   "O3'"  O N N 10  
A   "C2'"  C N R 11  
A   "O2'"  O N N 12  
A   "C1'"  C N R 13  
A   N9     N Y N 14  
A   C8     C Y N 15  
A   N7     N Y N 16  
A   C5     C Y N 17  
A   C6     C Y N 18  
A   N6     N N N 19  
A   N1     N Y N 20  
A   C2     C Y N 21  
A   N3     N Y N 22  
A   C4     C Y N 23  
A   HOP3   H N N 24  
A   HOP2   H N N 25  
A   "H5'"  H N N 26  
A   "H5''" H N N 27  
A   "H4'"  H N N 28  
A   "H3'"  H N N 29  
A   "HO3'" H N N 30  
A   "H2'"  H N N 31  
A   "HO2'" H N N 32  
A   "H1'"  H N N 33  
A   H8     H N N 34  
A   H61    H N N 35  
A   H62    H N N 36  
A   H2     H N N 37  
C   OP3    O N N 38  
C   P      P N N 39  
C   OP1    O N N 40  
C   OP2    O N N 41  
C   "O5'"  O N N 42  
C   "C5'"  C N N 43  
C   "C4'"  C N R 44  
C   "O4'"  O N N 45  
C   "C3'"  C N S 46  
C   "O3'"  O N N 47  
C   "C2'"  C N R 48  
C   "O2'"  O N N 49  
C   "C1'"  C N R 50  
C   N1     N N N 51  
C   C2     C N N 52  
C   O2     O N N 53  
C   N3     N N N 54  
C   C4     C N N 55  
C   N4     N N N 56  
C   C5     C N N 57  
C   C6     C N N 58  
C   HOP3   H N N 59  
C   HOP2   H N N 60  
C   "H5'"  H N N 61  
C   "H5''" H N N 62  
C   "H4'"  H N N 63  
C   "H3'"  H N N 64  
C   "HO3'" H N N 65  
C   "H2'"  H N N 66  
C   "HO2'" H N N 67  
C   "H1'"  H N N 68  
C   H41    H N N 69  
C   H42    H N N 70  
C   H5     H N N 71  
C   H6     H N N 72  
DA  OP3    O N N 73  
DA  P      P N N 74  
DA  OP1    O N N 75  
DA  OP2    O N N 76  
DA  "O5'"  O N N 77  
DA  "C5'"  C N N 78  
DA  "C4'"  C N R 79  
DA  "O4'"  O N N 80  
DA  "C3'"  C N S 81  
DA  "O3'"  O N N 82  
DA  "C2'"  C N N 83  
DA  "C1'"  C N R 84  
DA  N9     N Y N 85  
DA  C8     C Y N 86  
DA  N7     N Y N 87  
DA  C5     C Y N 88  
DA  C6     C Y N 89  
DA  N6     N N N 90  
DA  N1     N Y N 91  
DA  C2     C Y N 92  
DA  N3     N Y N 93  
DA  C4     C Y N 94  
DA  HOP3   H N N 95  
DA  HOP2   H N N 96  
DA  "H5'"  H N N 97  
DA  "H5''" H N N 98  
DA  "H4'"  H N N 99  
DA  "H3'"  H N N 100 
DA  "HO3'" H N N 101 
DA  "H2'"  H N N 102 
DA  "H2''" H N N 103 
DA  "H1'"  H N N 104 
DA  H8     H N N 105 
DA  H61    H N N 106 
DA  H62    H N N 107 
DA  H2     H N N 108 
G   OP3    O N N 109 
G   P      P N N 110 
G   OP1    O N N 111 
G   OP2    O N N 112 
G   "O5'"  O N N 113 
G   "C5'"  C N N 114 
G   "C4'"  C N R 115 
G   "O4'"  O N N 116 
G   "C3'"  C N S 117 
G   "O3'"  O N N 118 
G   "C2'"  C N R 119 
G   "O2'"  O N N 120 
G   "C1'"  C N R 121 
G   N9     N Y N 122 
G   C8     C Y N 123 
G   N7     N Y N 124 
G   C5     C Y N 125 
G   C6     C N N 126 
G   O6     O N N 127 
G   N1     N N N 128 
G   C2     C N N 129 
G   N2     N N N 130 
G   N3     N N N 131 
G   C4     C Y N 132 
G   HOP3   H N N 133 
G   HOP2   H N N 134 
G   "H5'"  H N N 135 
G   "H5''" H N N 136 
G   "H4'"  H N N 137 
G   "H3'"  H N N 138 
G   "HO3'" H N N 139 
G   "H2'"  H N N 140 
G   "HO2'" H N N 141 
G   "H1'"  H N N 142 
G   H8     H N N 143 
G   H1     H N N 144 
G   H21    H N N 145 
G   H22    H N N 146 
HOH O      O N N 147 
HOH H1     H N N 148 
HOH H2     H N N 149 
SUR P      P N N 150 
SUR OP1    O N N 151 
SUR OP2    O N N 152 
SUR OP3    O N N 153 
SUR "O5'"  O N N 154 
SUR "C5'"  C N N 155 
SUR "C4'"  C N R 156 
SUR "O4'"  O N N 157 
SUR "C3'"  C N S 158 
SUR "C1'"  C N R 159 
SUR N1     N N N 160 
SUR "C2'"  C N R 161 
SUR C6     C N N 162 
SUR C2     C N N 163 
SUR C5     C N N 164 
SUR S2     S N N 165 
SUR N3     N N N 166 
SUR C4     C N N 167 
SUR O4     O N N 168 
SUR "O2'"  O N N 169 
SUR "O3'"  O N N 170 
SUR HOP1   H N N 171 
SUR HOP3   H N N 172 
SUR "H5'1" H N N 173 
SUR "H5'2" H N N 174 
SUR "H4'"  H N N 175 
SUR "H3'"  H N N 176 
SUR "H1'"  H N N 177 
SUR "H2'"  H N N 178 
SUR HC6    H N N 179 
SUR HC5    H N N 180 
SUR HN3    H N N 181 
SUR HO2    H N N 182 
SUR HO3    H N N 183 
U   OP3    O N N 184 
U   P      P N N 185 
U   OP1    O N N 186 
U   OP2    O N N 187 
U   "O5'"  O N N 188 
U   "C5'"  C N N 189 
U   "C4'"  C N R 190 
U   "O4'"  O N N 191 
U   "C3'"  C N S 192 
U   "O3'"  O N N 193 
U   "C2'"  C N R 194 
U   "O2'"  O N N 195 
U   "C1'"  C N R 196 
U   N1     N N N 197 
U   C2     C N N 198 
U   O2     O N N 199 
U   N3     N N N 200 
U   C4     C N N 201 
U   O4     O N N 202 
U   C5     C N N 203 
U   C6     C N N 204 
U   HOP3   H N N 205 
U   HOP2   H N N 206 
U   "H5'"  H N N 207 
U   "H5''" H N N 208 
U   "H4'"  H N N 209 
U   "H3'"  H N N 210 
U   "HO3'" H N N 211 
U   "H2'"  H N N 212 
U   "HO2'" H N N 213 
U   "H1'"  H N N 214 
U   H3     H N N 215 
U   H5     H N N 216 
U   H6     H N N 217 
# 
loop_
_chem_comp_bond.comp_id 
_chem_comp_bond.atom_id_1 
_chem_comp_bond.atom_id_2 
_chem_comp_bond.value_order 
_chem_comp_bond.pdbx_aromatic_flag 
_chem_comp_bond.pdbx_stereo_config 
_chem_comp_bond.pdbx_ordinal 
A   OP3   P      sing N N 1   
A   OP3   HOP3   sing N N 2   
A   P     OP1    doub N N 3   
A   P     OP2    sing N N 4   
A   P     "O5'"  sing N N 5   
A   OP2   HOP2   sing N N 6   
A   "O5'" "C5'"  sing N N 7   
A   "C5'" "C4'"  sing N N 8   
A   "C5'" "H5'"  sing N N 9   
A   "C5'" "H5''" sing N N 10  
A   "C4'" "O4'"  sing N N 11  
A   "C4'" "C3'"  sing N N 12  
A   "C4'" "H4'"  sing N N 13  
A   "O4'" "C1'"  sing N N 14  
A   "C3'" "O3'"  sing N N 15  
A   "C3'" "C2'"  sing N N 16  
A   "C3'" "H3'"  sing N N 17  
A   "O3'" "HO3'" sing N N 18  
A   "C2'" "O2'"  sing N N 19  
A   "C2'" "C1'"  sing N N 20  
A   "C2'" "H2'"  sing N N 21  
A   "O2'" "HO2'" sing N N 22  
A   "C1'" N9     sing N N 23  
A   "C1'" "H1'"  sing N N 24  
A   N9    C8     sing Y N 25  
A   N9    C4     sing Y N 26  
A   C8    N7     doub Y N 27  
A   C8    H8     sing N N 28  
A   N7    C5     sing Y N 29  
A   C5    C6     sing Y N 30  
A   C5    C4     doub Y N 31  
A   C6    N6     sing N N 32  
A   C6    N1     doub Y N 33  
A   N6    H61    sing N N 34  
A   N6    H62    sing N N 35  
A   N1    C2     sing Y N 36  
A   C2    N3     doub Y N 37  
A   C2    H2     sing N N 38  
A   N3    C4     sing Y N 39  
C   OP3   P      sing N N 40  
C   OP3   HOP3   sing N N 41  
C   P     OP1    doub N N 42  
C   P     OP2    sing N N 43  
C   P     "O5'"  sing N N 44  
C   OP2   HOP2   sing N N 45  
C   "O5'" "C5'"  sing N N 46  
C   "C5'" "C4'"  sing N N 47  
C   "C5'" "H5'"  sing N N 48  
C   "C5'" "H5''" sing N N 49  
C   "C4'" "O4'"  sing N N 50  
C   "C4'" "C3'"  sing N N 51  
C   "C4'" "H4'"  sing N N 52  
C   "O4'" "C1'"  sing N N 53  
C   "C3'" "O3'"  sing N N 54  
C   "C3'" "C2'"  sing N N 55  
C   "C3'" "H3'"  sing N N 56  
C   "O3'" "HO3'" sing N N 57  
C   "C2'" "O2'"  sing N N 58  
C   "C2'" "C1'"  sing N N 59  
C   "C2'" "H2'"  sing N N 60  
C   "O2'" "HO2'" sing N N 61  
C   "C1'" N1     sing N N 62  
C   "C1'" "H1'"  sing N N 63  
C   N1    C2     sing N N 64  
C   N1    C6     sing N N 65  
C   C2    O2     doub N N 66  
C   C2    N3     sing N N 67  
C   N3    C4     doub N N 68  
C   C4    N4     sing N N 69  
C   C4    C5     sing N N 70  
C   N4    H41    sing N N 71  
C   N4    H42    sing N N 72  
C   C5    C6     doub N N 73  
C   C5    H5     sing N N 74  
C   C6    H6     sing N N 75  
DA  OP3   P      sing N N 76  
DA  OP3   HOP3   sing N N 77  
DA  P     OP1    doub N N 78  
DA  P     OP2    sing N N 79  
DA  P     "O5'"  sing N N 80  
DA  OP2   HOP2   sing N N 81  
DA  "O5'" "C5'"  sing N N 82  
DA  "C5'" "C4'"  sing N N 83  
DA  "C5'" "H5'"  sing N N 84  
DA  "C5'" "H5''" sing N N 85  
DA  "C4'" "O4'"  sing N N 86  
DA  "C4'" "C3'"  sing N N 87  
DA  "C4'" "H4'"  sing N N 88  
DA  "O4'" "C1'"  sing N N 89  
DA  "C3'" "O3'"  sing N N 90  
DA  "C3'" "C2'"  sing N N 91  
DA  "C3'" "H3'"  sing N N 92  
DA  "O3'" "HO3'" sing N N 93  
DA  "C2'" "C1'"  sing N N 94  
DA  "C2'" "H2'"  sing N N 95  
DA  "C2'" "H2''" sing N N 96  
DA  "C1'" N9     sing N N 97  
DA  "C1'" "H1'"  sing N N 98  
DA  N9    C8     sing Y N 99  
DA  N9    C4     sing Y N 100 
DA  C8    N7     doub Y N 101 
DA  C8    H8     sing N N 102 
DA  N7    C5     sing Y N 103 
DA  C5    C6     sing Y N 104 
DA  C5    C4     doub Y N 105 
DA  C6    N6     sing N N 106 
DA  C6    N1     doub Y N 107 
DA  N6    H61    sing N N 108 
DA  N6    H62    sing N N 109 
DA  N1    C2     sing Y N 110 
DA  C2    N3     doub Y N 111 
DA  C2    H2     sing N N 112 
DA  N3    C4     sing Y N 113 
G   OP3   P      sing N N 114 
G   OP3   HOP3   sing N N 115 
G   P     OP1    doub N N 116 
G   P     OP2    sing N N 117 
G   P     "O5'"  sing N N 118 
G   OP2   HOP2   sing N N 119 
G   "O5'" "C5'"  sing N N 120 
G   "C5'" "C4'"  sing N N 121 
G   "C5'" "H5'"  sing N N 122 
G   "C5'" "H5''" sing N N 123 
G   "C4'" "O4'"  sing N N 124 
G   "C4'" "C3'"  sing N N 125 
G   "C4'" "H4'"  sing N N 126 
G   "O4'" "C1'"  sing N N 127 
G   "C3'" "O3'"  sing N N 128 
G   "C3'" "C2'"  sing N N 129 
G   "C3'" "H3'"  sing N N 130 
G   "O3'" "HO3'" sing N N 131 
G   "C2'" "O2'"  sing N N 132 
G   "C2'" "C1'"  sing N N 133 
G   "C2'" "H2'"  sing N N 134 
G   "O2'" "HO2'" sing N N 135 
G   "C1'" N9     sing N N 136 
G   "C1'" "H1'"  sing N N 137 
G   N9    C8     sing Y N 138 
G   N9    C4     sing Y N 139 
G   C8    N7     doub Y N 140 
G   C8    H8     sing N N 141 
G   N7    C5     sing Y N 142 
G   C5    C6     sing N N 143 
G   C5    C4     doub Y N 144 
G   C6    O6     doub N N 145 
G   C6    N1     sing N N 146 
G   N1    C2     sing N N 147 
G   N1    H1     sing N N 148 
G   C2    N2     sing N N 149 
G   C2    N3     doub N N 150 
G   N2    H21    sing N N 151 
G   N2    H22    sing N N 152 
G   N3    C4     sing N N 153 
HOH O     H1     sing N N 154 
HOH O     H2     sing N N 155 
SUR P     OP1    sing N N 156 
SUR P     OP2    doub N N 157 
SUR P     OP3    sing N N 158 
SUR P     "O5'"  sing N N 159 
SUR OP1   HOP1   sing N N 160 
SUR OP3   HOP3   sing N N 161 
SUR "O5'" "C5'"  sing N N 162 
SUR "C5'" "C4'"  sing N N 163 
SUR "C5'" "H5'1" sing N N 164 
SUR "C5'" "H5'2" sing N N 165 
SUR "C4'" "O4'"  sing N N 166 
SUR "C4'" "C3'"  sing N N 167 
SUR "C4'" "H4'"  sing N N 168 
SUR "O4'" "C1'"  sing N N 169 
SUR "C3'" "C2'"  sing N N 170 
SUR "C3'" "O3'"  sing N N 171 
SUR "C3'" "H3'"  sing N N 172 
SUR "C1'" N1     sing N N 173 
SUR "C1'" "C2'"  sing N N 174 
SUR "C1'" "H1'"  sing N N 175 
SUR N1    C6     sing N N 176 
SUR N1    C2     sing N N 177 
SUR "C2'" "O2'"  sing N N 178 
SUR "C2'" "H2'"  sing N N 179 
SUR C6    C5     doub N N 180 
SUR C6    HC6    sing N N 181 
SUR C2    S2     doub N N 182 
SUR C2    N3     sing N N 183 
SUR C5    C4     sing N N 184 
SUR C5    HC5    sing N N 185 
SUR N3    C4     sing N N 186 
SUR N3    HN3    sing N N 187 
SUR C4    O4     doub N N 188 
SUR "O2'" HO2    sing N N 189 
SUR "O3'" HO3    sing N N 190 
U   OP3   P      sing N N 191 
U   OP3   HOP3   sing N N 192 
U   P     OP1    doub N N 193 
U   P     OP2    sing N N 194 
U   P     "O5'"  sing N N 195 
U   OP2   HOP2   sing N N 196 
U   "O5'" "C5'"  sing N N 197 
U   "C5'" "C4'"  sing N N 198 
U   "C5'" "H5'"  sing N N 199 
U   "C5'" "H5''" sing N N 200 
U   "C4'" "O4'"  sing N N 201 
U   "C4'" "C3'"  sing N N 202 
U   "C4'" "H4'"  sing N N 203 
U   "O4'" "C1'"  sing N N 204 
U   "C3'" "O3'"  sing N N 205 
U   "C3'" "C2'"  sing N N 206 
U   "C3'" "H3'"  sing N N 207 
U   "O3'" "HO3'" sing N N 208 
U   "C2'" "O2'"  sing N N 209 
U   "C2'" "C1'"  sing N N 210 
U   "C2'" "H2'"  sing N N 211 
U   "O2'" "HO2'" sing N N 212 
U   "C1'" N1     sing N N 213 
U   "C1'" "H1'"  sing N N 214 
U   N1    C2     sing N N 215 
U   N1    C6     sing N N 216 
U   C2    O2     doub N N 217 
U   C2    N3     sing N N 218 
U   N3    C4     sing N N 219 
U   N3    H3     sing N N 220 
U   C4    O4     doub N N 221 
U   C4    C5     sing N N 222 
U   C5    C6     doub N N 223 
U   C5    H5     sing N N 224 
U   C6    H6     sing N N 225 
# 
loop_
_ndb_struct_conf_na.entry_id 
_ndb_struct_conf_na.feature 
9OKV 'a-form double helix'  
9OKV 'mismatched base pair' 
# 
loop_
_ndb_struct_na_base_pair.model_number 
_ndb_struct_na_base_pair.i_label_asym_id 
_ndb_struct_na_base_pair.i_label_comp_id 
_ndb_struct_na_base_pair.i_label_seq_id 
_ndb_struct_na_base_pair.i_symmetry 
_ndb_struct_na_base_pair.j_label_asym_id 
_ndb_struct_na_base_pair.j_label_comp_id 
_ndb_struct_na_base_pair.j_label_seq_id 
_ndb_struct_na_base_pair.j_symmetry 
_ndb_struct_na_base_pair.shear 
_ndb_struct_na_base_pair.stretch 
_ndb_struct_na_base_pair.stagger 
_ndb_struct_na_base_pair.buckle 
_ndb_struct_na_base_pair.propeller 
_ndb_struct_na_base_pair.opening 
_ndb_struct_na_base_pair.pair_number 
_ndb_struct_na_base_pair.pair_name 
_ndb_struct_na_base_pair.i_auth_asym_id 
_ndb_struct_na_base_pair.i_auth_seq_id 
_ndb_struct_na_base_pair.i_PDB_ins_code 
_ndb_struct_na_base_pair.j_auth_asym_id 
_ndb_struct_na_base_pair.j_auth_seq_id 
_ndb_struct_na_base_pair.j_PDB_ins_code 
_ndb_struct_na_base_pair.hbond_type_28 
_ndb_struct_na_base_pair.hbond_type_12 
1 A A   1  1_555 A U   16 4_555 -0.043 -0.113 0.066  -0.265 -9.967  0.874  1  A_A1:U16_A   A 1  ? A 16 ? 20 1 
1 A G   2  1_555 A C   15 4_555 -0.209 -0.215 -0.147 -4.130 -15.587 -1.343 2  A_G2:C15_A   A 2  ? A 15 ? 19 1 
1 A A   3  1_555 A U   14 4_555 0.075  -0.133 0.033  -3.726 -13.729 2.184  3  A_A3:U14_A   A 3  ? A 14 ? 20 1 
1 A G   4  1_555 A C   13 4_555 -0.352 -0.182 -0.172 -2.931 -9.922  -1.323 4  A_G4:C13_A   A 4  ? A 13 ? 19 1 
1 A A   5  1_555 A U   12 4_555 0.146  -0.171 -0.135 -4.660 -7.782  2.031  5  A_A5:U12_A   A 5  ? A 12 ? 20 1 
1 A A   6  1_555 A U   11 4_555 -0.147 -0.016 -0.142 -9.441 -14.960 2.255  6  A_A6:U11_A   A 6  ? A 11 ? 20 1 
1 A G   7  1_555 A C   10 4_555 -0.229 -0.141 0.059  -3.646 -9.452  -0.982 7  A_G7:C10_A   A 7  ? A 10 ? 19 1 
1 A DA  8  1_555 A SUR 9  4_555 0.094  -0.098 -0.047 -1.691 -10.159 -3.017 8  A_DA8:SUR9_A A 8  ? A 9  ? 20 1 
1 A SUR 9  1_555 A DA  8  4_555 -0.094 -0.098 -0.047 1.691  -10.159 -3.017 9  A_SUR9:DA8_A A 9  ? A 8  ? 20 1 
1 A C   10 1_555 A G   7  4_555 0.229  -0.141 0.059  3.646  -9.452  -0.982 10 A_C10:G7_A   A 10 ? A 7  ? 19 1 
1 A U   11 1_555 A A   6  4_555 0.147  -0.016 -0.142 9.441  -14.960 2.255  11 A_U11:A6_A   A 11 ? A 6  ? 20 1 
1 A U   12 1_555 A A   5  4_555 -0.146 -0.171 -0.135 4.660  -7.782  2.031  12 A_U12:A5_A   A 12 ? A 5  ? 20 1 
1 A C   13 1_555 A G   4  4_555 0.352  -0.182 -0.172 2.931  -9.922  -1.323 13 A_C13:G4_A   A 13 ? A 4  ? 19 1 
1 A U   14 1_555 A A   3  4_555 -0.075 -0.133 0.033  3.726  -13.729 2.184  14 A_U14:A3_A   A 14 ? A 3  ? 20 1 
1 A C   15 1_555 A G   2  4_555 0.209  -0.215 -0.147 4.130  -15.587 -1.343 15 A_C15:G2_A   A 15 ? A 2  ? 19 1 
1 A U   16 1_555 A A   1  4_555 0.043  -0.113 0.066  0.265  -9.967  0.874  16 A_U16:A1_A   A 16 ? A 1  ? 20 1 
# 
loop_
_ndb_struct_na_base_pair_step.model_number 
_ndb_struct_na_base_pair_step.i_label_asym_id_1 
_ndb_struct_na_base_pair_step.i_label_comp_id_1 
_ndb_struct_na_base_pair_step.i_label_seq_id_1 
_ndb_struct_na_base_pair_step.i_symmetry_1 
_ndb_struct_na_base_pair_step.j_label_asym_id_1 
_ndb_struct_na_base_pair_step.j_label_comp_id_1 
_ndb_struct_na_base_pair_step.j_label_seq_id_1 
_ndb_struct_na_base_pair_step.j_symmetry_1 
_ndb_struct_na_base_pair_step.i_label_asym_id_2 
_ndb_struct_na_base_pair_step.i_label_comp_id_2 
_ndb_struct_na_base_pair_step.i_label_seq_id_2 
_ndb_struct_na_base_pair_step.i_symmetry_2 
_ndb_struct_na_base_pair_step.j_label_asym_id_2 
_ndb_struct_na_base_pair_step.j_label_comp_id_2 
_ndb_struct_na_base_pair_step.j_label_seq_id_2 
_ndb_struct_na_base_pair_step.j_symmetry_2 
_ndb_struct_na_base_pair_step.shift 
_ndb_struct_na_base_pair_step.slide 
_ndb_struct_na_base_pair_step.rise 
_ndb_struct_na_base_pair_step.tilt 
_ndb_struct_na_base_pair_step.roll 
_ndb_struct_na_base_pair_step.twist 
_ndb_struct_na_base_pair_step.x_displacement 
_ndb_struct_na_base_pair_step.y_displacement 
_ndb_struct_na_base_pair_step.helical_rise 
_ndb_struct_na_base_pair_step.inclination 
_ndb_struct_na_base_pair_step.tip 
_ndb_struct_na_base_pair_step.helical_twist 
_ndb_struct_na_base_pair_step.step_number 
_ndb_struct_na_base_pair_step.step_name 
_ndb_struct_na_base_pair_step.i_auth_asym_id_1 
_ndb_struct_na_base_pair_step.i_auth_seq_id_1 
_ndb_struct_na_base_pair_step.i_PDB_ins_code_1 
_ndb_struct_na_base_pair_step.j_auth_asym_id_1 
_ndb_struct_na_base_pair_step.j_auth_seq_id_1 
_ndb_struct_na_base_pair_step.j_PDB_ins_code_1 
_ndb_struct_na_base_pair_step.i_auth_asym_id_2 
_ndb_struct_na_base_pair_step.i_auth_seq_id_2 
_ndb_struct_na_base_pair_step.i_PDB_ins_code_2 
_ndb_struct_na_base_pair_step.j_auth_asym_id_2 
_ndb_struct_na_base_pair_step.j_auth_seq_id_2 
_ndb_struct_na_base_pair_step.j_PDB_ins_code_2 
1 A A   1  1_555 A U   16 4_555 A G   2  1_555 A C   15 4_555 -0.630 -1.097 3.285 -0.524 7.805  34.354 -2.940 0.966  2.981 13.005 
0.874  35.207 1  AA_A1G2:C15U16_AA     A 1  ? A 16 ? A 2  ? A 15 ? 
1 A G   2  1_555 A C   15 4_555 A A   3  1_555 A U   14 4_555 0.679  -1.202 3.192 -0.167 5.129  33.648 -2.830 -1.186 2.979 8.797  
0.287  34.026 2  AA_G2A3:U14C15_AA     A 2  ? A 15 ? A 3  ? A 14 ? 
1 A A   3  1_555 A U   14 4_555 A G   4  1_555 A C   13 4_555 -0.446 -1.393 3.199 -0.582 11.086 31.856 -4.049 0.683  2.591 19.473 
1.022  33.688 3  AA_A3G4:C13U14_AA     A 3  ? A 14 ? A 4  ? A 13 ? 
1 A G   4  1_555 A C   13 4_555 A A   5  1_555 A U   12 4_555 0.462  -1.592 3.355 -0.323 11.032 30.346 -4.719 -0.886 2.626 20.251 
0.593  32.246 4  AA_G4A5:U12C13_AA     A 4  ? A 13 ? A 5  ? A 12 ? 
1 A A   5  1_555 A U   12 4_555 A A   6  1_555 A U   11 4_555 0.764  -1.636 3.346 4.210  14.921 31.642 -4.789 -0.679 2.434 25.535 
-7.205 35.149 5  AA_A5A6:U11U12_AA     A 5  ? A 12 ? A 6  ? A 11 ? 
1 A A   6  1_555 A U   11 4_555 A G   7  1_555 A C   10 4_555 -0.202 -2.197 3.057 -0.743 8.862  25.188 -6.665 0.278  2.176 19.560 
1.641  26.688 6  AA_A6G7:C10U11_AA     A 6  ? A 11 ? A 7  ? A 10 ? 
1 A G   7  1_555 A C   10 4_555 A DA  8  1_555 A SUR 9  4_555 -0.770 -1.514 3.205 -0.249 5.025  33.958 -3.312 1.269  2.963 8.545  
0.424  34.317 7  AA_G7DA8:SUR9C10_AA   A 7  ? A 10 ? A 8  ? A 9  ? 
1 A DA  8  1_555 A SUR 9  4_555 A SUR 9  1_555 A DA  8  4_555 0.000  -1.123 3.174 0.000  10.694 30.195 -3.807 0.000  2.633 19.766 
0.000  31.991 8  AA_DA8SUR9:DA8SUR9_AA A 8  ? A 9  ? A 9  ? A 8  ? 
1 A SUR 9  1_555 A DA  8  4_555 A C   10 1_555 A G   7  4_555 0.770  -1.514 3.205 0.249  5.025  33.958 -3.312 -1.269 2.963 8.545  
-0.424 34.317 9  AA_SUR9C10:G7DA8_AA   A 9  ? A 8  ? A 10 ? A 7  ? 
1 A C   10 1_555 A G   7  4_555 A U   11 1_555 A A   6  4_555 0.202  -2.197 3.057 0.743  8.862  25.188 -6.665 -0.278 2.176 19.560 
-1.641 26.688 10 AA_C10U11:A6G7_AA     A 10 ? A 7  ? A 11 ? A 6  ? 
1 A U   11 1_555 A A   6  4_555 A U   12 1_555 A A   5  4_555 -0.764 -1.636 3.346 -4.210 14.921 31.642 -4.789 0.679  2.434 25.535 
7.205  35.149 11 AA_U11U12:A5A6_AA     A 11 ? A 6  ? A 12 ? A 5  ? 
1 A U   12 1_555 A A   5  4_555 A C   13 1_555 A G   4  4_555 -0.462 -1.592 3.355 0.323  11.032 30.346 -4.719 0.886  2.626 20.251 
-0.593 32.246 12 AA_U12C13:G4A5_AA     A 12 ? A 5  ? A 13 ? A 4  ? 
1 A C   13 1_555 A G   4  4_555 A U   14 1_555 A A   3  4_555 0.446  -1.393 3.199 0.582  11.086 31.856 -4.049 -0.683 2.591 19.473 
-1.022 33.688 13 AA_C13U14:A3G4_AA     A 13 ? A 4  ? A 14 ? A 3  ? 
1 A U   14 1_555 A A   3  4_555 A C   15 1_555 A G   2  4_555 -0.679 -1.202 3.192 0.167  5.129  33.648 -2.830 1.186  2.979 8.797  
-0.287 34.026 14 AA_U14C15:G2A3_AA     A 14 ? A 3  ? A 15 ? A 2  ? 
1 A C   15 1_555 A G   2  4_555 A U   16 1_555 A A   1  4_555 0.630  -1.097 3.285 0.524  7.805  34.354 -2.940 -0.966 2.981 13.005 
-0.874 35.207 15 AA_C15U16:A1G2_AA     A 15 ? A 2  ? A 16 ? A 1  ? 
# 
loop_
_pdbx_audit_support.funding_organization 
_pdbx_audit_support.country 
_pdbx_audit_support.grant_number 
_pdbx_audit_support.ordinal 
'National Science Foundation (NSF, United States)' 'United States' 2104708 1 
'Howard Hughes Medical Institute (HHMI)'           'United States' ?       2 
# 
_pdbx_initial_refinement_model.id               1 
_pdbx_initial_refinement_model.entity_id_list   ? 
_pdbx_initial_refinement_model.type             'experimental model' 
_pdbx_initial_refinement_model.source_name      PDB 
_pdbx_initial_refinement_model.accession_code   9MDY 
_pdbx_initial_refinement_model.details          ? 
# 
_atom_sites.entry_id                    9OKV 
_atom_sites.Cartn_transf_matrix[1][1]   ? 
_atom_sites.Cartn_transf_matrix[1][2]   ? 
_atom_sites.Cartn_transf_matrix[1][3]   ? 
_atom_sites.Cartn_transf_matrix[2][1]   ? 
_atom_sites.Cartn_transf_matrix[2][2]   ? 
_atom_sites.Cartn_transf_matrix[2][3]   ? 
_atom_sites.Cartn_transf_matrix[3][1]   ? 
_atom_sites.Cartn_transf_matrix[3][2]   ? 
_atom_sites.Cartn_transf_matrix[3][3]   ? 
_atom_sites.Cartn_transf_vector[1]      ? 
_atom_sites.Cartn_transf_vector[2]      ? 
_atom_sites.Cartn_transf_vector[3]      ? 
_atom_sites.Cartn_transform_axes        ? 
_atom_sites.fract_transf_matrix[1][1]   0.02585268 
_atom_sites.fract_transf_matrix[1][2]   -0.01083966 
_atom_sites.fract_transf_matrix[1][3]   0.00128273 
_atom_sites.fract_transf_matrix[2][1]   0.01576262 
_atom_sites.fract_transf_matrix[2][2]   -0.00147314 
_atom_sites.fract_transf_matrix[2][3]   -0.02317114 
_atom_sites.fract_transf_matrix[3][1]   0.00298318 
_atom_sites.fract_transf_matrix[3][2]   0.00730015 
_atom_sites.fract_transf_matrix[3][3]   0.00156525 
_atom_sites.fract_transf_vector[1]      0.416599 
_atom_sites.fract_transf_vector[2]      0.440397 
_atom_sites.fract_transf_vector[3]      -0.014129 
_atom_sites.solution_primary            ? 
_atom_sites.solution_secondary          ? 
_atom_sites.solution_hydrogens          ? 
_atom_sites.special_details             ? 
# 
loop_
_atom_type.symbol 
_atom_type.pdbx_scat_Z 
_atom_type.pdbx_N_electrons 
_atom_type.scat_Cromer_Mann_a1 
_atom_type.scat_Cromer_Mann_b1 
_atom_type.scat_Cromer_Mann_a2 
_atom_type.scat_Cromer_Mann_b2 
_atom_type.scat_Cromer_Mann_a3 
_atom_type.scat_Cromer_Mann_b3 
_atom_type.scat_Cromer_Mann_a4 
_atom_type.scat_Cromer_Mann_b4 
_atom_type.scat_Cromer_Mann_c 
C 6  6  2.3103  20.8439 1.0201 10.2075 1.5888 0.5687  0.8651 51.6512 0.2156   
H 1  1  0.4930  10.5109 0.3229 26.1257 0.1402 3.1424  0.0408 57.7997 0.0030   
N 7  7  12.2220 0.0057  3.1346 9.8933  2.0141 28.9975 1.1672 0.5826  -11.5379 
O 8  8  3.0487  13.2771 2.2870 5.7011  1.5464 0.3239  0.8671 32.9089 0.2508   
P 15 15 6.4348  1.9067  4.1793 27.1570 1.7801 0.5260  1.4909 68.1645 1.1150   
S 16 16 6.9054  1.4679  5.2035 22.2151 1.4379 0.2536  1.5863 56.1720 0.8669   
# 
loop_
_atom_site.group_PDB 
_atom_site.id 
_atom_site.type_symbol 
_atom_site.label_atom_id 
_atom_site.label_alt_id 
_atom_site.label_comp_id 
_atom_site.label_asym_id 
_atom_site.label_entity_id 
_atom_site.label_seq_id 
_atom_site.pdbx_PDB_ins_code 
_atom_site.Cartn_x 
_atom_site.Cartn_y 
_atom_site.Cartn_z 
_atom_site.occupancy 
_atom_site.B_iso_or_equiv 
_atom_site.pdbx_formal_charge 
_atom_site.auth_seq_id 
_atom_site.auth_comp_id 
_atom_site.auth_asym_id 
_atom_site.auth_atom_id 
_atom_site.pdbx_PDB_model_num 
_atom_site.calc_flag 
ATOM   1   O "O5'" . A   A 1 1  ? -0.130  19.061  2.161   1.000 21.219 0 1   A   A "O5'" 1 ? 
ATOM   2   C "C5'" . A   A 1 1  ? -0.788  19.493  0.964   1.000 17.484 0 1   A   A "C5'" 1 ? 
ATOM   3   C "C4'" . A   A 1 1  ? 0.198   19.936  -0.093  1.000 15.080 0 1   A   A "C4'" 1 ? 
ATOM   4   O "O4'" . A   A 1 1  ? 1.069   20.956  0.451   1.000 13.010 0 1   A   A "O4'" 1 ? 
ATOM   5   C "C3'" . A   A 1 1  ? 1.145   18.850  -0.605  1.000 13.159 0 1   A   A "C3'" 1 ? 
ATOM   6   O "O3'" . A   A 1 1  ? 0.506   18.121  -1.637  1.000 13.207 0 1   A   A "O3'" 1 ? 
ATOM   7   C "C2'" . A   A 1 1  ? 2.294   19.689  -1.141  1.000 12.933 0 1   A   A "C2'" 1 ? 
ATOM   8   O "O2'" . A   A 1 1  ? 1.968   20.292  -2.360  1.000 13.407 0 1   A   A "O2'" 1 ? 
ATOM   9   C "C1'" . A   A 1 1  ? 2.385   20.720  -0.029  1.000 11.851 0 1   A   A "C1'" 1 ? 
ATOM   10  N N9    . A   A 1 1  ? 3.197   20.340  1.100   1.000 11.963 0 1   A   A N9    1 ? 
ATOM   11  C C8    . A   A 1 1  ? 2.795   20.146  2.398   1.000 12.009 0 1   A   A C8    1 ? 
ATOM   12  N N7    . A   A 1 1  ? 3.782   19.964  3.230   1.000 12.270 0 1   A   A N7    1 ? 
ATOM   13  C C5    . A   A 1 1  ? 4.910   20.119  2.438   1.000 10.723 0 1   A   A C5    1 ? 
ATOM   14  C C6    . A   A 1 1  ? 6.273   20.108  2.758   1.000 10.401 0 1   A   A C6    1 ? 
ATOM   15  N N6    . A   A 1 1  ? 6.758   19.959  3.964   1.000 11.323 0 1   A   A N6    1 ? 
ATOM   16  N N1    . A   A 1 1  ? 7.150   20.309  1.749   1.000 10.686 0 1   A   A N1    1 ? 
ATOM   17  C C2    . A   A 1 1  ? 6.670   20.501  0.520   1.000 10.555 0 1   A   A C2    1 ? 
ATOM   18  N N3    . A   A 1 1  ? 5.412   20.595  0.120   1.000 10.588 0 1   A   A N3    1 ? 
ATOM   19  C C4    . A   A 1 1  ? 4.571   20.356  1.132   1.000 10.898 0 1   A   A C4    1 ? 
ATOM   20  P P     . G   A 1 2  ? 0.822   16.561  -1.850  1.000 13.071 0 2   G   A P     1 ? 
ATOM   21  O OP1   . G   A 1 2  ? -0.178  16.047  -2.835  1.000 15.238 0 2   G   A OP1   1 ? 
ATOM   22  O OP2   . G   A 1 2  ? 1.008   15.910  -0.558  1.000 13.613 0 2   G   A OP2   1 ? 
ATOM   23  O "O5'" . G   A 1 2  ? 2.266   16.558  -2.511  1.000 13.063 0 2   G   A "O5'" 1 ? 
ATOM   24  C "C5'" . G   A 1 2  ? 2.445   17.002  -3.838  1.000 12.278 0 2   G   A "C5'" 1 ? 
ATOM   25  C "C4'" . G   A 1 2  ? 3.914   17.001  -4.154  1.000 12.559 0 2   G   A "C4'" 1 ? 
ATOM   26  O "O4'" . G   A 1 2  ? 4.564   17.997  -3.326  1.000 12.884 0 2   G   A "O4'" 1 ? 
ATOM   27  C "C3'" . G   A 1 2  ? 4.681   15.734  -3.783  1.000 12.568 0 2   G   A "C3'" 1 ? 
ATOM   28  O "O3'" . G   A 1 2  ? 4.472   14.715  -4.740  1.000 13.906 0 2   G   A "O3'" 1 ? 
ATOM   29  C "C2'" . G   A 1 2  ? 6.110   16.231  -3.747  1.000 13.001 0 2   G   A "C2'" 1 ? 
ATOM   30  O "O2'" . G   A 1 2  ? 6.558   16.478  -5.045  1.000 13.899 0 2   G   A "O2'" 1 ? 
ATOM   31  C "C1'" . G   A 1 2  ? 5.880   17.532  -2.998  1.000 11.196 0 2   G   A "C1'" 1 ? 
ATOM   32  N N9    . G   A 1 2  ? 5.912   17.340  -1.570  1.000 10.881 0 2   G   A N9    1 ? 
ATOM   33  C C8    . G   A 1 2  ? 4.859   17.173  -0.695  1.000 11.026 0 2   G   A C8    1 ? 
ATOM   34  N N7    . G   A 1 2  ? 5.213   17.058  0.555   1.000 11.338 0 2   G   A N7    1 ? 
ATOM   35  C C5    . G   A 1 2  ? 6.600   17.152  0.518   1.000 9.886  0 2   G   A C5    1 ? 
ATOM   36  C C6    . G   A 1 2  ? 7.521   17.047  1.570   1.000 9.279  0 2   G   A C6    1 ? 
ATOM   37  O O6    . G   A 1 2  ? 7.319   16.959  2.761   1.000 10.510 0 2   G   A O6    1 ? 
ATOM   38  N N1    . G   A 1 2  ? 8.837   17.070  1.092   1.000 9.668  0 2   G   A N1    1 ? 
ATOM   39  C C2    . G   A 1 2  ? 9.198   17.207  -0.227  1.000 9.533  0 2   G   A C2    1 ? 
ATOM   40  N N2    . G   A 1 2  ? 10.518  17.153  -0.507  1.000 10.465 0 2   G   A N2    1 ? 
ATOM   41  N N3    . G   A 1 2  ? 8.315   17.301  -1.222  1.000 10.447 0 2   G   A N3    1 ? 
ATOM   42  C C4    . G   A 1 2  ? 7.040   17.271  -0.773  1.000 9.641  0 2   G   A C4    1 ? 
ATOM   43  P P     . A   A 1 3  ? 4.526   13.170  -4.352  1.000 14.147 0 3   A   A P     1 ? 
ATOM   44  O OP1   . A   A 1 3  ? 4.180   12.417  -5.577  1.000 15.541 0 3   A   A OP1   1 ? 
ATOM   45  O OP2   . A   A 1 3  ? 3.783   12.896  -3.124  1.000 14.960 0 3   A   A OP2   1 ? 
ATOM   46  O "O5'" . A   A 1 3  ? 6.071   12.990  -3.960  1.000 12.636 0 3   A   A "O5'" 1 ? 
ATOM   47  C "C5'" . A   A 1 3  ? 7.092   13.118  -4.959  1.000 12.809 0 3   A   A "C5'" 1 ? 
ATOM   48  C "C4'" . A   A 1 3  ? 8.418   13.074  -4.254  1.000 11.560 0 3   A   A "C4'" 1 ? 
ATOM   49  O "O4'" . A   A 1 3  ? 8.483   14.119  -3.276  1.000 11.110 0 3   A   A "O4'" 1 ? 
ATOM   50  C "C3'" . A   A 1 3  ? 8.653   11.833  -3.414  1.000 12.516 0 3   A   A "C3'" 1 ? 
ATOM   51  O "O3'" . A   A 1 3  ? 9.064   10.754  -4.234  1.000 12.644 0 3   A   A "O3'" 1 ? 
ATOM   52  C "C2'" . A   A 1 3  ? 9.776   12.321  -2.519  1.000 12.105 0 3   A   A "C2'" 1 ? 
ATOM   53  O "O2'" . A   A 1 3  ? 10.994  12.404  -3.192  1.000 13.292 0 3   A   A "O2'" 1 ? 
ATOM   54  C "C1'" . A   A 1 3  ? 9.273   13.722  -2.173  1.000 10.798 0 3   A   A "C1'" 1 ? 
ATOM   55  N N9    . A   A 1 3  ? 8.435   13.761  -0.985  1.000 10.752 0 3   A   A N9    1 ? 
ATOM   56  C C8    . A   A 1 3  ? 7.073   13.743  -0.881  1.000 10.686 0 3   A   A C8    1 ? 
ATOM   57  N N7    . A   A 1 3  ? 6.629   13.786  0.351   1.000 10.597 0 3   A   A N7    1 ? 
ATOM   58  C C5    . A   A 1 3  ? 7.782   13.778  1.123   1.000 9.951  0 3   A   A C5    1 ? 
ATOM   59  C C6    . A   A 1 3  ? 7.992   13.806  2.519   1.000 9.434  0 3   A   A C6    1 ? 
ATOM   60  N N6    . A   A 1 3  ? 7.028   13.897  3.427   1.000 10.241 0 3   A   A N6    1 ? 
ATOM   61  N N1    . A   A 1 3  ? 9.274   13.806  2.936   1.000 10.165 0 3   A   A N1    1 ? 
ATOM   62  C C2    . A   A 1 3  ? 10.249  13.752  2.046   1.000 10.055 0 3   A   A C2    1 ? 
ATOM   63  N N3    . A   A 1 3  ? 10.185  13.784  0.716   1.000 10.949 0 3   A   A N3    1 ? 
ATOM   64  C C4    . A   A 1 3  ? 8.899   13.783  0.313   1.000 10.228 0 3   A   A C4    1 ? 
ATOM   65  P P     . G   A 1 4  ? 8.820   9.265   -3.713  1.000 13.965 0 4   G   A P     1 ? 
ATOM   66  O OP1   . G   A 1 4  ? 9.084   8.411   -4.922  1.000 15.435 0 4   G   A OP1   1 ? 
ATOM   67  O OP2   . G   A 1 4  ? 7.524   9.150   -3.011  1.000 15.932 0 4   G   A OP2   1 ? 
ATOM   68  O "O5'" . G   A 1 4  ? 9.935   9.028   -2.589  1.000 14.106 0 4   G   A "O5'" 1 ? 
ATOM   69  C "C5'" . G   A 1 4  ? 11.327  8.931   -2.956  1.000 13.333 0 4   G   A "C5'" 1 ? 
ATOM   70  C "C4'" . G   A 1 4  ? 12.167  8.803   -1.705  1.000 13.877 0 4   G   A "C4'" 1 ? 
ATOM   71  O "O4'" . G   A 1 4  ? 12.075  10.003  -0.902  1.000 14.518 0 4   G   A "O4'" 1 ? 
ATOM   72  C "C3'" . G   A 1 4  ? 11.750  7.750   -0.679  1.000 13.482 0 4   G   A "C3'" 1 ? 
ATOM   73  O "O3'" . G   A 1 4  ? 12.081  6.467   -1.178  1.000 16.008 0 4   G   A "O3'" 1 ? 
ATOM   74  C "C2'" . G   A 1 4  ? 12.526  8.196   0.556   1.000 13.304 0 4   G   A "C2'" 1 ? 
ATOM   75  O "O2'" . G   A 1 4  ? 13.895  7.943   0.456   1.000 15.932 0 4   G   A "O2'" 1 ? 
ATOM   76  C "C1'" . G   A 1 4  ? 12.203  9.674   0.482   1.000 13.285 0 4   G   A "C1'" 1 ? 
ATOM   77  N N9    . G   A 1 4  ? 10.923  9.986   1.102   1.000 12.148 0 4   G   A N9    1 ? 
ATOM   78  C C8    . G   A 1 4  ? 9.709   10.141  0.495   1.000 12.057 0 4   G   A C8    1 ? 
ATOM   79  N N7    . G   A 1 4  ? 8.731   10.436  1.293   1.000 13.293 0 4   G   A N7    1 ? 
ATOM   80  C C5    . G   A 1 4  ? 9.334   10.441  2.548   1.000 11.819 0 4   G   A C5    1 ? 
ATOM   81  C C6    . G   A 1 4  ? 8.787   10.672  3.842   1.000 12.516 0 4   G   A C6    1 ? 
ATOM   82  O O6    . G   A 1 4  ? 7.613   10.927  4.109   1.000 12.279 0 4   G   A O6    1 ? 
ATOM   83  N N1    . G   A 1 4  ? 9.756   10.529  4.847   1.000 12.221 0 4   G   A N1    1 ? 
ATOM   84  C C2    . G   A 1 4  ? 11.084  10.231  4.649   1.000 12.949 0 4   G   A C2    1 ? 
ATOM   85  N N2    . G   A 1 4  ? 11.867  10.104  5.727   1.000 12.347 0 4   G   A N2    1 ? 
ATOM   86  N N3    . G   A 1 4  ? 11.598  10.020  3.434   1.000 12.813 0 4   G   A N3    1 ? 
ATOM   87  C C4    . G   A 1 4  ? 10.678  10.151  2.459   1.000 12.573 0 4   G   A C4    1 ? 
ATOM   88  P P     . A   A 1 5  ? 11.163  5.204   -0.764  1.000 16.643 0 5   A   A P     1 ? 
ATOM   89  O OP1   . A   A 1 5  ? 11.808  4.074   -1.483  1.000 20.557 0 5   A   A OP1   1 ? 
ATOM   90  O OP2   . A   A 1 5  ? 9.751   5.500   -1.052  1.000 16.462 0 5   A   A OP2   1 ? 
ATOM   91  O "O5'" . A   A 1 5  ? 11.318  5.063   0.801   1.000 16.260 0 5   A   A "O5'" 1 ? 
ATOM   92  C "C5'" . A   A 1 5  ? 12.616  4.733   1.363   1.000 16.575 0 5   A   A "C5'" 1 ? 
ATOM   93  C "C4'" . A   A 1 5  ? 12.494  4.766   2.863   1.000 16.447 0 5   A   A "C4'" 1 ? 
ATOM   94  O "O4'" . A   A 1 5  ? 12.186  6.102   3.290   1.000 16.087 0 5   A   A "O4'" 1 ? 
ATOM   95  C "C3'" . A   A 1 5  ? 11.352  3.961   3.474   1.000 16.993 0 5   A   A "C3'" 1 ? 
ATOM   96  O "O3'" . A   A 1 5  ? 11.693  2.596   3.460   1.000 16.893 0 5   A   A "O3'" 1 ? 
ATOM   97  C "C2'" . A   A 1 5  ? 11.283  4.575   4.857   1.000 17.664 0 5   A   A "C2'" 1 ? 
ATOM   98  O "O2'" . A   A 1 5  ? 12.311  4.105   5.704   1.000 19.371 0 5   A   A "O2'" 1 ? 
ATOM   99  C "C1'" . A   A 1 5  ? 11.433  6.049   4.475   1.000 16.369 0 5   A   A "C1'" 1 ? 
ATOM   100 N N9    . A   A 1 5  ? 10.138  6.647   4.221   1.000 15.013 0 5   A   A N9    1 ? 
ATOM   101 C C8    . A   A 1 5  ? 9.488   6.827   3.027   1.000 15.246 0 5   A   A C8    1 ? 
ATOM   102 N N7    . A   A 1 5  ? 8.304   7.343   3.177   1.000 14.431 0 5   A   A N7    1 ? 
ATOM   103 C C5    . A   A 1 5  ? 8.139   7.462   4.549   1.000 13.881 0 5   A   A C5    1 ? 
ATOM   104 C C6    . A   A 1 5  ? 7.089   7.920   5.359   1.000 15.008 0 5   A   A C6    1 ? 
ATOM   105 N N6    . A   A 1 5  ? 5.928   8.348   4.890   1.000 15.513 0 5   A   A N6    1 ? 
ATOM   106 N N1    . A   A 1 5  ? 7.240   7.839   6.698   1.000 13.684 0 5   A   A N1    1 ? 
ATOM   107 C C2    . A   A 1 5  ? 8.398   7.383   7.190   1.000 16.102 0 5   A   A C2    1 ? 
ATOM   108 N N3    . A   A 1 5  ? 9.457   6.938   6.526   1.000 15.502 0 5   A   A N3    1 ? 
ATOM   109 C C4    . A   A 1 5  ? 9.262   7.005   5.202   1.000 14.347 0 5   A   A C4    1 ? 
ATOM   110 P P     . A   A 1 6  ? 10.537  1.502   3.289   1.000 18.230 0 6   A   A P     1 ? 
ATOM   111 O OP1   . A   A 1 6  ? 11.287  0.223   3.045   1.000 19.331 0 6   A   A OP1   1 ? 
ATOM   112 O OP2   . A   A 1 6  ? 9.488   1.877   2.331   1.000 18.180 0 6   A   A OP2   1 ? 
ATOM   113 O "O5'" . A   A 1 6  ? 9.783   1.475   4.703   1.000 16.353 0 6   A   A "O5'" 1 ? 
ATOM   114 C "C5'" . A   A 1 6  ? 10.506  1.124   5.886   1.000 16.835 0 6   A   A "C5'" 1 ? 
ATOM   115 C "C4'" . A   A 1 6  ? 9.664   1.460   7.094   1.000 16.596 0 6   A   A "C4'" 1 ? 
ATOM   116 O "O4'" . A   A 1 6  ? 9.366   2.874   7.069   1.000 16.222 0 6   A   A "O4'" 1 ? 
ATOM   117 C "C3'" . A   A 1 6  ? 8.272   0.856   7.171   1.000 17.789 0 6   A   A "C3'" 1 ? 
ATOM   118 O "O3'" . A   A 1 6  ? 8.412   -0.484  7.618   1.000 17.674 0 6   A   A "O3'" 1 ? 
ATOM   119 C "C2'" . A   A 1 6  ? 7.551   1.776   8.157   1.000 18.509 0 6   A   A "C2'" 1 ? 
ATOM   120 O "O2'" . A   A 1 6  ? 7.994   1.466   9.444   1.000 19.212 0 6   A   A "O2'" 1 ? 
ATOM   121 C "C1'" . A   A 1 6  ? 8.099   3.128   7.670   1.000 17.605 0 6   A   A "C1'" 1 ? 
ATOM   122 N N9    . A   A 1 6  ? 7.231   3.785   6.695   1.000 16.690 0 6   A   A N9    1 ? 
ATOM   123 C C8    . A   A 1 6  ? 7.319   3.841   5.333   1.000 18.500 0 6   A   A C8    1 ? 
ATOM   124 N N7    . A   A 1 6  ? 6.350   4.514   4.760   1.000 18.677 0 6   A   A N7    1 ? 
ATOM   125 C C5    . A   A 1 6  ? 5.535   4.885   5.827   1.000 17.372 0 6   A   A C5    1 ? 
ATOM   126 C C6    . A   A 1 6  ? 4.343   5.653   5.922   1.000 17.182 0 6   A   A C6    1 ? 
ATOM   127 N N6    . A   A 1 6  ? 3.691   6.129   4.873   1.000 19.244 0 6   A   A N6    1 ? 
ATOM   128 N N1    . A   A 1 6  ? 3.815   5.832   7.162   1.000 16.048 0 6   A   A N1    1 ? 
ATOM   129 C C2    . A   A 1 6  ? 4.471   5.370   8.215   1.000 18.275 0 6   A   A C2    1 ? 
ATOM   130 N N3    . A   A 1 6  ? 5.588   4.645   8.238   1.000 18.049 0 6   A   A N3    1 ? 
ATOM   131 C C4    . A   A 1 6  ? 6.090   4.485   7.010   1.000 17.799 0 6   A   A C4    1 ? 
ATOM   132 P P     . G   A 1 7  ? 7.270   -1.558  7.301   1.000 19.160 0 7   G   A P     1 ? 
ATOM   133 O OP1   . G   A 1 7  ? 7.697   -2.898  7.827   1.000 19.880 0 7   G   A OP1   1 ? 
ATOM   134 O OP2   . G   A 1 7  ? 6.563   -1.313  6.022   1.000 21.159 0 7   G   A OP2   1 ? 
ATOM   135 O "O5'" . G   A 1 7  ? 6.191   -0.972  8.326   1.000 17.811 0 7   G   A "O5'" 1 ? 
ATOM   136 C "C5'" . G   A 1 7  ? 4.845   -1.059  7.997   1.000 16.679 0 7   G   A "C5'" 1 ? 
ATOM   137 C "C4'" . G   A 1 7  ? 4.079   -0.507  9.173   1.000 14.904 0 7   G   A "C4'" 1 ? 
ATOM   138 O "O4'" . G   A 1 7  ? 4.268   0.934   9.236   1.000 14.119 0 7   G   A "O4'" 1 ? 
ATOM   139 C "C3'" . G   A 1 7  ? 2.579   -0.701  9.065   1.000 14.463 0 7   G   A "C3'" 1 ? 
ATOM   140 O "O3'" . G   A 1 7  ? 2.247   -1.948  9.636   1.000 13.601 0 7   G   A "O3'" 1 ? 
ATOM   141 C "C2'" . G   A 1 7  ? 2.017   0.494   9.825   1.000 12.552 0 7   G   A "C2'" 1 ? 
ATOM   142 O "O2'" . G   A 1 7  ? 2.086   0.199   11.205  1.000 13.601 0 7   G   A "O2'" 1 ? 
ATOM   143 C "C1'" . G   A 1 7  ? 3.006   1.552   9.354   1.000 12.911 0 7   G   A "C1'" 1 ? 
ATOM   144 N N9    . G   A 1 7  ? 2.680   2.176   8.081   1.000 13.436 0 7   G   A N9    1 ? 
ATOM   145 C C8    . G   A 1 7  ? 3.337   2.086   6.877   1.000 13.241 0 7   G   A C8    1 ? 
ATOM   146 N N7    . G   A 1 7  ? 2.766   2.764   5.904   1.000 13.994 0 7   G   A N7    1 ? 
ATOM   147 C C5    . G   A 1 7  ? 1.694   3.381   6.538   1.000 12.068 0 7   G   A C5    1 ? 
ATOM   148 C C6    . G   A 1 7  ? 0.749   4.324   6.049   1.000 12.992 0 7   G   A C6    1 ? 
ATOM   149 O O6    . G   A 1 7  ? 0.676   4.767   4.897   1.000 14.034 0 7   G   A O6    1 ? 
ATOM   150 N N1    . G   A 1 7  ? -0.187  4.697   7.013   1.000 13.018 0 7   G   A N1    1 ? 
ATOM   151 C C2    . G   A 1 7  ? -0.192  4.265   8.315   1.000 12.416 0 7   G   A C2    1 ? 
ATOM   152 N N2    . G   A 1 7  ? -1.148  4.711   9.131   1.000 13.592 0 7   G   A N2    1 ? 
ATOM   153 N N3    . G   A 1 7  ? 0.735   3.437   8.795   1.000 12.272 0 7   G   A N3    1 ? 
ATOM   154 C C4    . G   A 1 7  ? 1.633   3.046   7.866   1.000 12.872 0 7   G   A C4    1 ? 
ATOM   155 P P     . DA  A 1 8  ? 0.977   -2.742  9.065   1.000 14.620 0 8   DA  A P     1 ? 
ATOM   156 O OP1   . DA  A 1 8  ? 1.045   -4.100  9.696   1.000 17.145 0 8   DA  A OP1   1 ? 
ATOM   157 O OP2   . DA  A 1 8  ? 0.904   -2.645  7.589   1.000 15.536 0 8   DA  A OP2   1 ? 
ATOM   158 O "O5'" . DA  A 1 8  ? -0.281  -1.877  9.548   1.000 14.696 0 8   DA  A "O5'" 1 ? 
ATOM   159 C "C5'" . DA  A 1 8  ? -0.627  -1.872  10.932  1.000 15.147 0 8   DA  A "C5'" 1 ? 
ATOM   160 C "C4'" . DA  A 1 8  ? -1.824  -0.965  11.121  1.000 16.498 0 8   DA  A "C4'" 1 ? 
ATOM   161 O "O4'" . DA  A 1 8  ? -1.494  0.380   10.723  1.000 15.926 0 8   DA  A "O4'" 1 ? 
ATOM   162 C "C3'" . DA  A 1 8  ? -3.036  -1.296  10.259  1.000 15.933 0 8   DA  A "C3'" 1 ? 
ATOM   163 O "O3'" . DA  A 1 8  ? -3.678  -2.377  10.906  1.000 16.027 0 8   DA  A "O3'" 1 ? 
ATOM   164 C "C2'" . DA  A 1 8  ? -3.788  0.024   10.340  1.000 16.145 0 8   DA  A "C2'" 1 ? 
ATOM   165 C "C1'" . DA  A 1 8  ? -2.637  0.975   10.086  1.000 15.565 0 8   DA  A "C1'" 1 ? 
ATOM   166 N N9    . DA  A 1 8  ? -2.305  1.206   8.669   1.000 13.659 0 8   DA  A N9    1 ? 
ATOM   167 C C8    . DA  A 1 8  ? -1.273  0.682   7.952   1.000 13.887 0 8   DA  A C8    1 ? 
ATOM   168 N N7    . DA  A 1 8  ? -1.167  1.163   6.735   1.000 14.493 0 8   DA  A N7    1 ? 
ATOM   169 C C5    . DA  A 1 8  ? -2.221  2.036   6.629   1.000 14.654 0 8   DA  A C5    1 ? 
ATOM   170 C C6    . DA  A 1 8  ? -2.636  2.868   5.576   1.000 13.380 0 8   DA  A C6    1 ? 
ATOM   171 N N6    . DA  A 1 8  ? -2.020  2.943   4.416   1.000 14.209 0 8   DA  A N6    1 ? 
ATOM   172 N N1    . DA  A 1 8  ? -3.728  3.620   5.802   1.000 14.750 0 8   DA  A N1    1 ? 
ATOM   173 C C2    . DA  A 1 8  ? -4.318  3.570   7.002   1.000 15.900 0 8   DA  A C2    1 ? 
ATOM   174 N N3    . DA  A 1 8  ? -3.992  2.845   8.071   1.000 16.096 0 8   DA  A N3    1 ? 
ATOM   175 C C4    . DA  A 1 8  ? -2.917  2.093   7.814   1.000 14.596 0 8   DA  A C4    1 ? 
HETATM 176 P P     . SUR A 1 9  ? -4.462  -3.520  10.017  1.000 17.187 0 9   SUR A P     1 ? 
HETATM 177 O OP1   . SUR A 1 9  ? -4.861  -4.566  11.029  1.000 19.827 0 9   SUR A OP1   1 ? 
HETATM 178 O OP2   . SUR A 1 9  ? -3.673  -3.963  8.882   1.000 17.471 0 9   SUR A OP2   1 ? 
HETATM 179 O "O5'" . SUR A 1 9  ? -5.689  -2.813  9.414   1.000 16.852 0 9   SUR A "O5'" 1 ? 
HETATM 180 C "C5'" . SUR A 1 9  ? -6.781  -2.455  10.267  1.000 16.910 0 9   SUR A "C5'" 1 ? 
HETATM 181 C "C4'" . SUR A 1 9  ? -7.697  -1.456  9.552   1.000 16.225 0 9   SUR A "C4'" 1 ? 
HETATM 182 O "O4'" . SUR A 1 9  ? -6.946  -0.255  9.178   1.000 17.055 0 9   SUR A "O4'" 1 ? 
HETATM 183 C "C3'" . SUR A 1 9  ? -8.184  -2.007  8.199   1.000 17.061 0 9   SUR A "C3'" 1 ? 
HETATM 184 C "C1'" . SUR A 1 9  ? -7.510  0.219   7.928   1.000 16.008 0 9   SUR A "C1'" 1 ? 
HETATM 185 N N1    . SUR A 1 9  ? -6.449  0.152   6.878   1.000 15.419 0 9   SUR A N1    1 ? 
HETATM 186 C "C2'" . SUR A 1 9  ? -8.652  -0.730  7.604   1.000 16.802 0 9   SUR A "C2'" 1 ? 
HETATM 187 C C6    . SUR A 1 9  ? -5.288  -0.649  7.004   1.000 14.707 0 9   SUR A C6    1 ? 
HETATM 188 C C2    . SUR A 1 9  ? -6.594  0.930   5.751   1.000 15.856 0 9   SUR A C2    1 ? 
HETATM 189 C C5    . SUR A 1 9  ? -4.262  -0.674  6.081   1.000 14.911 0 9   SUR A C5    1 ? 
HETATM 190 S S2    . SUR A 1 9  ? -7.931  1.889   5.488   1.000 18.196 0 9   SUR A S2    1 ? 
HETATM 191 N N3    . SUR A 1 9  ? -5.556  0.902   4.867   1.000 13.861 0 9   SUR A N3    1 ? 
HETATM 192 C C4    . SUR A 1 9  ? -4.433  0.117   4.941   1.000 14.482 0 9   SUR A C4    1 ? 
HETATM 193 O O4    . SUR A 1 9  ? -3.578  0.207   4.076   1.000 15.584 0 9   SUR A O4    1 ? 
HETATM 194 O "O2'" . SUR A 1 9  ? -9.876  -0.239  8.193   1.000 18.206 0 9   SUR A "O2'" 1 ? 
HETATM 195 O "O3'" . SUR A 1 9  ? -9.216  -2.997  8.399   1.000 18.288 0 9   SUR A "O3'" 1 ? 
ATOM   196 P P     . C   A 1 10 ? -9.406  -4.113  7.347   1.000 19.522 0 10  C   A P     1 ? 
ATOM   197 O OP1   . C   A 1 10 ? -10.490 -5.084  7.875   1.000 21.916 0 10  C   A OP1   1 ? 
ATOM   198 O OP2   . C   A 1 10 ? -8.162  -4.815  6.913   1.000 22.174 0 10  C   A OP2   1 ? 
ATOM   199 O "O5'" . C   A 1 10 ? -9.949  -3.410  6.001   1.000 18.536 0 10  C   A "O5'" 1 ? 
ATOM   200 C "C5'" . C   A 1 10 ? -11.231 -2.766  6.037   1.000 19.552 0 10  C   A "C5'" 1 ? 
ATOM   201 C "C4'" . C   A 1 10 ? -11.346 -1.902  4.794   1.000 18.690 0 10  C   A "C4'" 1 ? 
ATOM   202 O "O4'" . C   A 1 10 ? -10.282 -0.909  4.764   1.000 18.337 0 10  C   A "O4'" 1 ? 
ATOM   203 C "C3'" . C   A 1 10 ? -11.174 -2.615  3.446   1.000 18.805 0 10  C   A "C3'" 1 ? 
ATOM   204 O "O3'" . C   A 1 10 ? -12.353 -3.336  3.091   1.000 19.846 0 10  C   A "O3'" 1 ? 
ATOM   205 C "C2'" . C   A 1 10 ? -10.914 -1.411  2.550   1.000 17.377 0 10  C   A "C2'" 1 ? 
ATOM   206 O "O2'" . C   A 1 10 ? -12.091 -0.687  2.349   1.000 19.369 0 10  C   A "O2'" 1 ? 
ATOM   207 C "C1'" . C   A 1 10 ? -9.950  -0.609  3.423   1.000 15.705 0 10  C   A "C1'" 1 ? 
ATOM   208 N N1    . C   A 1 10 ? -8.547  -1.003  3.157   1.000 14.523 0 10  C   A N1    1 ? 
ATOM   209 C C2    . C   A 1 10 ? -7.981  -0.512  1.968   1.000 14.808 0 10  C   A C2    1 ? 
ATOM   210 O O2    . C   A 1 10 ? -8.668  0.278   1.297   1.000 15.824 0 10  C   A O2    1 ? 
ATOM   211 N N3    . C   A 1 10 ? -6.698  -0.849  1.677   1.000 14.196 0 10  C   A N3    1 ? 
ATOM   212 C C4    . C   A 1 10 ? -6.029  -1.686  2.478   1.000 15.403 0 10  C   A C4    1 ? 
ATOM   213 N N4    . C   A 1 10 ? -4.799  -2.005  2.141   1.000 13.629 0 10  C   A N4    1 ? 
ATOM   214 C C5    . C   A 1 10 ? -6.632  -2.245  3.650   1.000 15.175 0 10  C   A C5    1 ? 
ATOM   215 C C6    . C   A 1 10 ? -7.886  -1.891  3.931   1.000 15.821 0 10  C   A C6    1 ? 
ATOM   216 P P     . U   A 1 11 ? -12.279 -4.634  2.163   1.000 21.225 0 11  U   A P     1 ? 
ATOM   217 O OP1   . U   A 1 11 ? -13.610 -5.318  2.155   1.000 22.833 0 11  U   A OP1   1 ? 
ATOM   218 O OP2   . U   A 1 11 ? -11.078 -5.423  2.542   1.000 24.999 0 11  U   A OP2   1 ? 
ATOM   219 O "O5'" . U   A 1 11 ? -11.899 -4.027  0.747   1.000 18.165 0 11  U   A "O5'" 1 ? 
ATOM   220 C "C5'" . U   A 1 11 ? -12.840 -3.190  0.119   1.000 17.777 0 11  U   A "C5'" 1 ? 
ATOM   221 C "C4'" . U   A 1 11 ? -12.139 -2.599  -1.078  1.000 18.212 0 11  U   A "C4'" 1 ? 
ATOM   222 O "O4'" . U   A 1 11 ? -10.923 -1.913  -0.661  1.000 17.313 0 11  U   A "O4'" 1 ? 
ATOM   223 C "C3'" . U   A 1 11 ? -11.572 -3.596  -2.091  1.000 17.750 0 11  U   A "C3'" 1 ? 
ATOM   224 O "O3'" . U   A 1 11 ? -12.632 -4.156  -2.846  1.000 17.613 0 11  U   A "O3'" 1 ? 
ATOM   225 C "C2'" . U   A 1 11 ? -10.686 -2.658  -2.907  1.000 19.470 0 11  U   A "C2'" 1 ? 
ATOM   226 O "O2'" . U   A 1 11 ? -11.463 -1.780  -3.692  1.000 20.273 0 11  U   A "O2'" 1 ? 
ATOM   227 C "C1'" . U   A 1 11 ? -10.002 -1.932  -1.752  1.000 16.441 0 11  U   A "C1'" 1 ? 
ATOM   228 N N1    . U   A 1 11 ? -8.749  -2.558  -1.334  1.000 17.388 0 11  U   A N1    1 ? 
ATOM   229 C C2    . U   A 1 11 ? -7.656  -2.273  -2.148  1.000 15.378 0 11  U   A C2    1 ? 
ATOM   230 O O2    . U   A 1 11 ? -7.770  -1.645  -3.169  1.000 18.396 0 11  U   A O2    1 ? 
ATOM   231 N N3    . U   A 1 11 ? -6.498  -2.814  -1.715  1.000 17.263 0 11  U   A N3    1 ? 
ATOM   232 C C4    . U   A 1 11 ? -6.266  -3.569  -0.600  1.000 18.363 0 11  U   A C4    1 ? 
ATOM   233 O O4    . U   A 1 11 ? -5.129  -3.981  -0.363  1.000 21.087 0 11  U   A O4    1 ? 
ATOM   234 C C5    . U   A 1 11 ? -7.439  -3.852  0.177   1.000 19.779 0 11  U   A C5    1 ? 
ATOM   235 C C6    . U   A 1 11 ? -8.615  -3.312  -0.200  1.000 18.547 0 11  U   A C6    1 ? 
ATOM   236 P P     . U   A 1 12 ? -12.544 -5.611  -3.526  1.000 17.791 0 12  U   A P     1 ? 
ATOM   237 O OP1   . U   A 1 12 ? -13.952 -5.841  -3.884  1.000 19.298 0 12  U   A OP1   1 ? 
ATOM   238 O OP2   . U   A 1 12 ? -11.794 -6.589  -2.711  1.000 19.545 0 12  U   A OP2   1 ? 
ATOM   239 O "O5'" . U   A 1 12 ? -11.717 -5.345  -4.864  1.000 15.873 0 12  U   A "O5'" 1 ? 
ATOM   240 C "C5'" . U   A 1 12 ? -12.284 -4.570  -5.961  1.000 15.748 0 12  U   A "C5'" 1 ? 
ATOM   241 C "C4'" . U   A 1 12 ? -11.220 -4.538  -7.023  1.000 15.700 0 12  U   A "C4'" 1 ? 
ATOM   242 O "O4'" . U   A 1 12 ? -10.085 -3.790  -6.529  1.000 16.098 0 12  U   A "O4'" 1 ? 
ATOM   243 C "C3'" . U   A 1 12 ? -10.582 -5.883  -7.400  1.000 15.170 0 12  U   A "C3'" 1 ? 
ATOM   244 O "O3'" . U   A 1 12 ? -11.506 -6.602  -8.199  1.000 17.169 0 12  U   A "O3'" 1 ? 
ATOM   245 C "C2'" . U   A 1 12 ? -9.328  -5.404  -8.106  1.000 15.947 0 12  U   A "C2'" 1 ? 
ATOM   246 O "O2'" . U   A 1 12 ? -9.662  -4.806  -9.347  1.000 16.467 0 12  U   A "O2'" 1 ? 
ATOM   247 C "C1'" . U   A 1 12 ? -8.907  -4.336  -7.101  1.000 16.174 0 12  U   A "C1'" 1 ? 
ATOM   248 N N1    . U   A 1 12 ? -8.050  -4.812  -5.992  1.000 14.883 0 12  U   A N1    1 ? 
ATOM   249 C C2    . U   A 1 12 ? -6.709  -4.951  -6.258  1.000 14.975 0 12  U   A C2    1 ? 
ATOM   250 O O2    . U   A 1 12 ? -6.246  -4.782  -7.382  1.000 17.297 0 12  U   A O2    1 ? 
ATOM   251 N N3    . U   A 1 12 ? -5.942  -5.293  -5.173  1.000 15.149 0 12  U   A N3    1 ? 
ATOM   252 C C4    . U   A 1 12 ? -6.389  -5.505  -3.892  1.000 15.080 0 12  U   A C4    1 ? 
ATOM   253 O O4    . U   A 1 12 ? -5.588  -5.794  -3.031  1.000 15.300 0 12  U   A O4    1 ? 
ATOM   254 C C5    . U   A 1 12 ? -7.789  -5.363  -3.706  1.000 14.793 0 12  U   A C5    1 ? 
ATOM   255 C C6    . U   A 1 12 ? -8.552  -5.010  -4.739  1.000 14.774 0 12  U   A C6    1 ? 
ATOM   256 P P     . C   A 1 13 ? -11.539 -8.205  -8.198  1.000 15.533 0 13  C   A P     1 ? 
ATOM   257 O OP1   . C   A 1 13 ? -12.749 -8.554  -9.028  1.000 17.478 0 13  C   A OP1   1 ? 
ATOM   258 O OP2   . C   A 1 13 ? -11.420 -8.708  -6.791  1.000 16.491 0 13  C   A OP2   1 ? 
ATOM   259 O "O5'" . C   A 1 13 ? -10.198 -8.743  -8.857  1.000 14.101 0 13  C   A "O5'" 1 ? 
ATOM   260 C "C5'" . C   A 1 13 ? -9.993  -8.455  -10.231 1.000 14.155 0 13  C   A "C5'" 1 ? 
ATOM   261 C "C4'" . C   A 1 13 ? -8.565  -8.788  -10.560 1.000 14.246 0 13  C   A "C4'" 1 ? 
ATOM   262 O "O4'" . C   A 1 13 ? -7.736  -7.885  -9.811  1.000 14.044 0 13  C   A "O4'" 1 ? 
ATOM   263 C "C3'" . C   A 1 13 ? -8.036  -10.181 -10.189 1.000 13.552 0 13  C   A "C3'" 1 ? 
ATOM   264 O "O3'" . C   A 1 13 ? -8.476  -11.138 -11.138 1.000 13.038 0 13  C   A "O3'" 1 ? 
ATOM   265 C "C2'" . C   A 1 13 ? -6.537  -9.907  -10.297 1.000 12.727 0 13  C   A "C2'" 1 ? 
ATOM   266 O "O2'" . C   A 1 13 ? -6.125  -9.791  -11.639 1.000 13.212 0 13  C   A "O2'" 1 ? 
ATOM   267 C "C1'" . C   A 1 13 ? -6.488  -8.541  -9.612  1.000 13.502 0 13  C   A "C1'" 1 ? 
ATOM   268 N N1    . C   A 1 13 ? -6.202  -8.666  -8.161  1.000 13.054 0 13  C   A N1    1 ? 
ATOM   269 C C2    . C   A 1 13 ? -4.867  -8.840  -7.744  1.000 12.523 0 13  C   A C2    1 ? 
ATOM   270 O O2    . C   A 1 13 ? -4.018  -9.047  -8.607  1.000 14.134 0 13  C   A O2    1 ? 
ATOM   271 N N3    . C   A 1 13 ? -4.589  -8.924  -6.431  1.000 12.882 0 13  C   A N3    1 ? 
ATOM   272 C C4    . C   A 1 13 ? -5.566  -8.804  -5.534  1.000 11.371 0 13  C   A C4    1 ? 
ATOM   273 N N4    . C   A 1 13 ? -5.230  -8.831  -4.269  1.000 12.291 0 13  C   A N4    1 ? 
ATOM   274 C C5    . C   A 1 13 ? -6.920  -8.582  -5.913  1.000 12.608 0 13  C   A C5    1 ? 
ATOM   275 C C6    . C   A 1 13 ? -7.173  -8.523  -7.225  1.000 11.838 0 13  C   A C6    1 ? 
ATOM   276 P P     . U   A 1 14 ? -8.683  -12.657 -10.717 1.000 12.981 0 14  U   A P     1 ? 
ATOM   277 O OP1   . U   A 1 14 ? -9.291  -13.375 -11.869 1.000 13.941 0 14  U   A OP1   1 ? 
ATOM   278 O OP2   . U   A 1 14 ? -9.306  -12.699 -9.401  1.000 13.556 0 14  U   A OP2   1 ? 
ATOM   279 O "O5'" . U   A 1 14 ? -7.237  -13.276 -10.413 1.000 11.662 0 14  U   A "O5'" 1 ? 
ATOM   280 C "C5'" . U   A 1 14 ? -6.399  -13.466 -11.579 1.000 12.741 0 14  U   A "C5'" 1 ? 
ATOM   281 C "C4'" . U   A 1 14 ? -4.982  -13.737 -11.143 1.000 11.041 0 14  U   A "C4'" 1 ? 
ATOM   282 O "O4'" . U   A 1 14 ? -4.463  -12.648 -10.387 1.000 10.976 0 14  U   A "O4'" 1 ? 
ATOM   283 C "C3'" . U   A 1 14 ? -4.689  -14.972 -10.290 1.000 10.500 0 14  U   A "C3'" 1 ? 
ATOM   284 O "O3'" . U   A 1 14 ? -4.659  -16.117 -11.100 1.000 11.026 0 14  U   A "O3'" 1 ? 
ATOM   285 C "C2'" . U   A 1 14 ? -3.312  -14.595 -9.736  1.000 10.061 0 14  U   A "C2'" 1 ? 
ATOM   286 O "O2'" . U   A 1 14 ? -2.381  -14.691 -10.787 1.000 10.631 0 14  U   A "O2'" 1 ? 
ATOM   287 C "C1'" . U   A 1 14 ? -3.533  -13.134 -9.415  1.000 9.691  0 14  U   A "C1'" 1 ? 
ATOM   288 N N1    . U   A 1 14 ? -4.106  -12.901 -8.049  1.000 10.206 0 14  U   A N1    1 ? 
ATOM   289 C C2    . U   A 1 14 ? -3.208  -12.906 -6.990  1.000 9.578  0 14  U   A C2    1 ? 
ATOM   290 O O2    . U   A 1 14 ? -2.036  -13.223 -7.117  1.000 10.303 0 14  U   A O2    1 ? 
ATOM   291 N N3    . U   A 1 14 ? -3.758  -12.614 -5.777  1.000 9.778  0 14  U   A N3    1 ? 
ATOM   292 C C4    . U   A 1 14 ? -5.054  -12.282 -5.517  1.000 10.351 0 14  U   A C4    1 ? 
ATOM   293 O O4    . U   A 1 14 ? -5.391  -12.023 -4.363  1.000 11.493 0 14  U   A O4    1 ? 
ATOM   294 C C5    . U   A 1 14 ? -5.924  -12.276 -6.643  1.000 10.902 0 14  U   A C5    1 ? 
ATOM   295 C C6    . U   A 1 14 ? -5.438  -12.608 -7.834  1.000 10.086 0 14  U   A C6    1 ? 
ATOM   296 P P     . C   A 1 15 ? -4.931  -17.568 -10.497 1.000 12.230 0 15  C   A P     1 ? 
ATOM   297 O OP1   . C   A 1 15 ? -5.040  -18.448 -11.684 1.000 14.746 0 15  C   A OP1   1 ? 
ATOM   298 O OP2   . C   A 1 15 ? -6.005  -17.562 -9.478  1.000 13.859 0 15  C   A OP2   1 ? 
ATOM   299 O "O5'" . C   A 1 15 ? -3.625  -17.946 -9.654  1.000 11.130 0 15  C   A "O5'" 1 ? 
ATOM   300 C "C5'" . C   A 1 15 ? -2.376  -18.131 -10.318 1.000 11.229 0 15  C   A "C5'" 1 ? 
ATOM   301 C "C4'" . C   A 1 15 ? -1.286  -18.186 -9.274  1.000 11.437 0 15  C   A "C4'" 1 ? 
ATOM   302 O "O4'" . C   A 1 15 ? -1.231  -16.949 -8.540  1.000 10.541 0 15  C   A "O4'" 1 ? 
ATOM   303 C "C3'" . C   A 1 15 ? -1.437  -19.233 -8.172  1.000 10.580 0 15  C   A "C3'" 1 ? 
ATOM   304 O "O3'" . C   A 1 15 ? -0.994  -20.497 -8.633  1.000 12.529 0 15  C   A "O3'" 1 ? 
ATOM   305 C "C2'" . C   A 1 15 ? -0.524  -18.679 -7.098  1.000 11.239 0 15  C   A "C2'" 1 ? 
ATOM   306 O "O2'" . C   A 1 15 ? 0.826   -18.796 -7.492  1.000 12.257 0 15  C   A "O2'" 1 ? 
ATOM   307 C "C1'" . C   A 1 15 ? -0.888  -17.212 -7.182  1.000 10.174 0 15  C   A "C1'" 1 ? 
ATOM   308 N N1    . C   A 1 15 ? -2.037  -16.854 -6.309  1.000 10.179 0 15  C   A N1    1 ? 
ATOM   309 C C2    . C   A 1 15 ? -1.751  -16.564 -4.982  1.000 9.786  0 15  C   A C2    1 ? 
ATOM   310 O O2    . C   A 1 15 ? -0.623  -16.845 -4.538  1.000 10.066 0 15  C   A O2    1 ? 
ATOM   311 N N3    . C   A 1 15 ? -2.763  -16.081 -4.196  1.000 9.835  0 15  C   A N3    1 ? 
ATOM   312 C C4    . C   A 1 15 ? -3.967  -15.850 -4.715  1.000 9.913  0 15  C   A C4    1 ? 
ATOM   313 N N4    . C   A 1 15 ? -4.900  -15.305 -3.944  1.000 9.927  0 15  C   A N4    1 ? 
ATOM   314 C C5    . C   A 1 15 ? -4.271  -16.156 -6.041  1.000 9.346  0 15  C   A C5    1 ? 
ATOM   315 C C6    . C   A 1 15 ? -3.294  -16.658 -6.799  1.000 10.223 0 15  C   A C6    1 ? 
ATOM   316 P P     . U   A 1 16 ? -1.786  -21.801 -8.200  1.000 14.107 0 16  U   A P     1 ? 
ATOM   317 O OP1   . U   A 1 16 ? -1.118  -22.920 -8.933  1.000 16.860 0 16  U   A OP1   1 ? 
ATOM   318 O OP2   . U   A 1 16 ? -3.233  -21.608 -8.343  1.000 16.377 0 16  U   A OP2   1 ? 
ATOM   319 O "O5'" . U   A 1 16 ? -1.507  -21.956 -6.638  1.000 11.783 0 16  U   A "O5'" 1 ? 
ATOM   320 C "C5'" . U   A 1 16 ? -0.172  -22.277 -6.226  1.000 12.074 0 16  U   A "C5'" 1 ? 
ATOM   321 C "C4'" . U   A 1 16 ? -0.052  -22.132 -4.747  1.000 10.844 0 16  U   A "C4'" 1 ? 
ATOM   322 O "O4'" . U   A 1 16 ? -0.273  -20.757 -4.380  1.000 10.266 0 16  U   A "O4'" 1 ? 
ATOM   323 C "C3'" . U   A 1 16 ? -1.048  -22.926 -3.905  1.000 10.967 0 16  U   A "C3'" 1 ? 
ATOM   324 O "O3'" . U   A 1 16 ? -0.668  -24.307 -3.808  1.000 12.494 0 16  U   A "O3'" 1 ? 
ATOM   325 C "C2'" . U   A 1 16 ? -0.954  -22.147 -2.610  1.000 10.503 0 16  U   A "C2'" 1 ? 
ATOM   326 O "O2'" . U   A 1 16 ? 0.218   -22.571 -1.932  1.000 12.475 0 16  U   A "O2'" 1 ? 
ATOM   327 C "C1'" . U   A 1 16 ? -0.839  -20.710 -3.085  1.000 10.084 0 16  U   A "C1'" 1 ? 
ATOM   328 N N1    . U   A 1 16 ? -2.158  -20.053 -3.194  1.000 9.419  0 16  U   A N1    1 ? 
ATOM   329 C C2    . U   A 1 16 ? -2.696  -19.520 -2.036  1.000 9.756  0 16  U   A C2    1 ? 
ATOM   330 O O2    . U   A 1 16 ? -2.124  -19.601 -0.970  1.000 9.973  0 16  U   A O2    1 ? 
ATOM   331 N N3    . U   A 1 16 ? -3.897  -18.881 -2.166  1.000 9.774  0 16  U   A N3    1 ? 
ATOM   332 C C4    . U   A 1 16 ? -4.649  -18.814 -3.302  1.000 9.665  0 16  U   A C4    1 ? 
ATOM   333 O O4    . U   A 1 16 ? -5.768  -18.292 -3.240  1.000 10.898 0 16  U   A O4    1 ? 
ATOM   334 C C5    . U   A 1 16 ? -4.082  -19.444 -4.460  1.000 10.081 0 16  U   A C5    1 ? 
ATOM   335 C C6    . U   A 1 16 ? -2.877  -20.045 -4.351  1.000 9.402  0 16  U   A C6    1 ? 
HETATM 336 O O     . HOH B 2 .  ? -1.012  -24.679 -9.968  1.000 18.192 0 101 HOH A O     1 ? 
HETATM 337 O O     . HOH B 2 .  ? -9.651  -15.152 -13.042 1.000 22.071 0 102 HOH A O     1 ? 
HETATM 338 O O     . HOH B 2 .  ? 8.359   -0.611  10.471  0.330 14.976 0 103 HOH A O     1 ? 
HETATM 339 O O     . HOH B 2 .  ? 1.246   -15.421 -4.899  1.000 37.878 0 104 HOH A O     1 ? 
HETATM 340 O O     . HOH B 2 .  ? 5.411   0.372   4.770   1.000 33.175 0 105 HOH A O     1 ? 
HETATM 341 O O     . HOH B 2 .  ? 6.204   3.577   10.394  1.000 27.183 0 106 HOH A O     1 ? 
HETATM 342 O O     . HOH B 2 .  ? 3.652   21.356  -3.952  1.000 24.650 0 107 HOH A O     1 ? 
HETATM 343 O O     . HOH B 2 .  ? 7.348   -4.371  9.897   0.330 14.776 0 108 HOH A O     1 ? 
HETATM 344 O O     . HOH B 2 .  ? 0.548   -6.428  8.723   1.000 39.502 0 109 HOH A O     1 ? 
HETATM 345 O O     . HOH B 2 .  ? -7.591  -11.763 -3.035  1.000 24.834 0 110 HOH A O     1 ? 
HETATM 346 O O     . HOH B 2 .  ? -14.925 -9.670  -8.169  1.000 30.433 0 111 HOH A O     1 ? 
HETATM 347 O O     . HOH B 2 .  ? -0.185  13.926  -4.344  1.000 22.289 0 112 HOH A O     1 ? 
HETATM 348 O O     . HOH B 2 .  ? 5.550   4.933   2.316   1.000 33.019 0 113 HOH A O     1 ? 
HETATM 349 O O     . HOH B 2 .  ? -5.207  3.344   10.327  1.000 37.204 0 114 HOH A O     1 ? 
HETATM 350 O O     . HOH B 2 .  ? -7.671  -18.131 -5.044  1.000 21.005 0 115 HOH A O     1 ? 
HETATM 351 O O     . HOH B 2 .  ? -7.238  -16.301 -7.528  1.000 28.560 0 116 HOH A O     1 ? 
HETATM 352 O O     . HOH B 2 .  ? -4.016  -20.458 -13.047 1.000 31.723 0 117 HOH A O     1 ? 
HETATM 353 O O     . HOH B 2 .  ? 8.804   5.829   -5.383  1.000 22.466 0 118 HOH A O     1 ? 
HETATM 354 O O     . HOH B 2 .  ? 10.994  8.759   -6.716  1.000 29.537 0 119 HOH A O     1 ? 
HETATM 355 O O     . HOH B 2 .  ? -6.038  -7.176  -0.812  1.000 37.426 0 120 HOH A O     1 ? 
HETATM 356 O O     . HOH B 2 .  ? -8.858  -13.846 -7.047  1.000 45.188 0 121 HOH A O     1 ? 
HETATM 357 O O     . HOH B 2 .  ? -2.149  -25.613 -2.029  1.000 21.587 0 122 HOH A O     1 ? 
HETATM 358 O O     . HOH B 2 .  ? 11.340  5.852   8.060   1.000 35.992 0 123 HOH A O     1 ? 
HETATM 359 O O     . HOH B 2 .  ? -7.078  -10.843 -13.889 0.330 14.791 0 124 HOH A O     1 ? 
HETATM 360 O O     . HOH B 2 .  ? 1.586   4.354   2.421   1.000 29.234 0 125 HOH A O     1 ? 
HETATM 361 O O     . HOH B 2 .  ? -1.056  19.941  4.510   1.000 38.222 0 126 HOH A O     1 ? 
HETATM 362 O O     . HOH B 2 .  ? -14.117 -1.602  -4.020  1.000 23.413 0 127 HOH A O     1 ? 
HETATM 363 O O     . HOH B 2 .  ? 2.179   -16.939 -8.871  1.000 25.573 0 128 HOH A O     1 ? 
HETATM 364 O O     . HOH B 2 .  ? 0.557   0.331   4.858   1.000 33.501 0 129 HOH A O     1 ? 
HETATM 365 O O     . HOH B 2 .  ? 6.670   10.248  -0.417  1.000 26.238 0 130 HOH A O     1 ? 
HETATM 366 O O     . HOH B 2 .  ? -4.537  -21.487 -10.693 1.000 36.206 0 131 HOH A O     1 ? 
HETATM 367 O O     . HOH B 2 .  ? 4.864   21.305  -2.417  1.000 23.187 0 132 HOH A O     1 ? 
HETATM 368 O O     . HOH B 2 .  ? 3.158   13.891  -0.699  1.000 24.631 0 133 HOH A O     1 ? 
HETATM 369 O O     . HOH B 2 .  ? 4.249   12.789  1.129   1.000 16.406 0 134 HOH A O     1 ? 
HETATM 370 O O     . HOH B 2 .  ? 16.045  9.474   -0.112  1.000 30.473 0 135 HOH A O     1 ? 
HETATM 371 O O     . HOH B 2 .  ? 7.589   7.120   -0.895  1.000 33.666 0 136 HOH A O     1 ? 
HETATM 372 O O     . HOH B 2 .  ? 6.242   7.683   1.453   1.000 25.623 0 137 HOH A O     1 ? 
HETATM 373 O O     . HOH B 2 .  ? -11.481 1.543   6.922   1.000 37.167 0 138 HOH A O     1 ? 
HETATM 374 O O     . HOH B 2 .  ? 5.386   11.065  2.555   1.000 21.706 0 139 HOH A O     1 ? 
HETATM 375 O O     . HOH B 2 .  ? 3.612   2.718   3.319   1.000 28.788 0 140 HOH A O     1 ? 
HETATM 376 O O     . HOH B 2 .  ? 5.203   13.009  -8.047  1.000 30.878 0 141 HOH A O     1 ? 
HETATM 377 O O     . HOH B 2 .  ? -10.225 -8.437  -4.337  1.000 22.785 0 142 HOH A O     1 ? 
HETATM 378 O O     . HOH B 2 .  ? -11.151 1.331   0.746   1.000 33.307 0 143 HOH A O     1 ? 
HETATM 379 O O     . HOH B 2 .  ? 2.077   11.853  -7.256  1.000 33.979 0 144 HOH A O     1 ? 
HETATM 380 O O     . HOH B 2 .  ? 8.972   17.324  -4.033  1.000 20.108 0 145 HOH A O     1 ? 
HETATM 381 O O     . HOH B 2 .  ? -5.464  -4.372  6.585   1.000 23.902 0 146 HOH A O     1 ? 
HETATM 382 O O     . HOH B 2 .  ? 8.076   4.625   -3.061  1.000 29.502 0 147 HOH A O     1 ? 
HETATM 383 O O     . HOH B 2 .  ? -8.284  -5.411  -11.661 1.000 23.236 0 148 HOH A O     1 ? 
HETATM 384 O O     . HOH B 2 .  ? -1.268  -20.550 1.490   1.000 20.696 0 149 HOH A O     1 ? 
HETATM 385 O O     . HOH B 2 .  ? -1.237  -1.105  3.371   1.000 23.247 0 150 HOH A O     1 ? 
HETATM 386 O O     . HOH B 2 .  ? 12.358  13.567  -0.998  1.000 16.168 0 151 HOH A O     1 ? 
HETATM 387 O O     . HOH B 2 .  ? 3.530   20.052  6.002   1.000 33.350 0 152 HOH A O     1 ? 
HETATM 388 O O     . HOH B 2 .  ? -9.549  -15.260 -8.297  1.000 33.609 0 153 HOH A O     1 ? 
HETATM 389 O O     . HOH B 2 .  ? -14.679 -1.318  3.217   1.000 35.513 0 154 HOH A O     1 ? 
HETATM 390 O O     . HOH B 2 .  ? -11.580 -14.973 -12.112 1.000 25.819 0 155 HOH A O     1 ? 
HETATM 391 O O     . HOH B 2 .  ? 11.614  11.795  -5.858  1.000 22.656 0 156 HOH A O     1 ? 
HETATM 392 O O     . HOH B 2 .  ? 10.547  1.746   -0.543  1.000 33.015 0 157 HOH A O     1 ? 
HETATM 393 O O     . HOH B 2 .  ? 2.327   -1.859  13.108  1.000 20.489 0 158 HOH A O     1 ? 
HETATM 394 O O     . HOH B 2 .  ? -11.543 -1.588  10.018  1.000 37.159 0 159 HOH A O     1 ? 
HETATM 395 O O     . HOH B 2 .  ? -5.602  -3.712  13.611  1.000 34.454 0 160 HOH A O     1 ? 
HETATM 396 O O     . HOH B 2 .  ? -1.806  -2.992  6.874   1.000 19.777 0 161 HOH A O     1 ? 
HETATM 397 O O     . HOH B 2 .  ? -2.270  -15.792 -13.387 1.000 17.121 0 162 HOH A O     1 ? 
HETATM 398 O O     . HOH B 2 .  ? -8.165  -13.501 -14.461 0.330 17.290 0 163 HOH A O     1 ? 
HETATM 399 O O     . HOH B 2 .  ? 7.667   -5.130  6.086   1.000 28.373 0 164 HOH A O     1 ? 
HETATM 400 O O     . HOH B 2 .  ? 1.100   11.983  -3.055  1.000 22.518 0 165 HOH A O     1 ? 
HETATM 401 O O     . HOH B 2 .  ? 5.153   16.878  4.592   1.000 18.471 0 166 HOH A O     1 ? 
HETATM 402 O O     . HOH B 2 .  ? 5.146   15.649  -7.367  1.000 31.328 0 167 HOH A O     1 ? 
HETATM 403 O O     . HOH B 2 .  ? 13.822  1.748   5.187   1.000 33.466 0 168 HOH A O     1 ? 
HETATM 404 O O     . HOH B 2 .  ? -5.343  -19.835 -7.579  1.000 22.980 0 169 HOH A O     1 ? 
HETATM 405 O O     . HOH B 2 .  ? 7.749   8.895   -7.406  1.000 26.149 0 170 HOH A O     1 ? 
HETATM 406 O O     . HOH B 2 .  ? 3.368   16.489  2.668   1.000 34.638 0 171 HOH A O     1 ? 
HETATM 407 O O     . HOH B 2 .  ? -9.541  -11.206 -6.968  1.000 19.937 0 172 HOH A O     1 ? 
HETATM 408 O O     . HOH B 2 .  ? -9.336  -6.958  -1.268  1.000 28.771 0 173 HOH A O     1 ? 
HETATM 409 O O     . HOH B 2 .  ? 14.027  11.567  3.177   1.000 29.715 0 174 HOH A O     1 ? 
HETATM 410 O O     . HOH B 2 .  ? 4.332   11.245  -0.808  1.000 25.220 0 175 HOH A O     1 ? 
HETATM 411 O O     . HOH B 2 .  ? -2.985  -18.245 -13.724 1.000 36.035 0 176 HOH A O     1 ? 
HETATM 412 O O     . HOH B 2 .  ? 5.779   19.571  6.672   1.000 41.363 0 177 HOH A O     1 ? 
HETATM 413 O O     . HOH B 2 .  ? -7.577  -15.070 -5.060  1.000 18.052 0 178 HOH A O     1 ? 
HETATM 414 O O     . HOH B 2 .  ? 8.124   4.214   1.011   1.000 30.387 0 179 HOH A O     1 ? 
HETATM 415 O O     . HOH B 2 .  ? -3.712  -3.908  4.144   1.000 29.624 0 180 HOH A O     1 ? 
HETATM 416 O O     . HOH B 2 .  ? -0.029  -5.629  12.005  1.000 29.313 0 181 HOH A O     1 ? 
HETATM 417 O O     . HOH B 2 .  ? -7.694  -8.901  -2.551  1.000 23.036 0 182 HOH A O     1 ? 
HETATM 418 O O     . HOH B 2 .  ? 0.307   1.709   2.914   1.000 26.195 0 183 HOH A O     1 ? 
HETATM 419 O O     . HOH B 2 .  ? -2.420  -23.579 -11.620 1.000 38.234 0 184 HOH A O     1 ? 
HETATM 420 O O     . HOH B 2 .  ? 4.231   14.381  2.256   1.000 27.267 0 185 HOH A O     1 ? 
HETATM 421 O O     . HOH B 2 .  ? -0.793  3.786   12.063  1.000 31.409 0 186 HOH A O     1 ? 
HETATM 422 O O     . HOH B 2 .  ? 0.426   -25.580 -8.588  1.000 29.023 0 187 HOH A O     1 ? 
HETATM 423 O O     . HOH B 2 .  ? 10.205  2.620   11.396  0.330 43.087 0 188 HOH A O     1 ? 
HETATM 424 O O     . HOH B 2 .  ? -1.961  -25.870 -8.075  1.000 33.559 0 189 HOH A O     1 ? 
HETATM 425 O O     . HOH B 2 .  ? 6.370   1.536   2.924   1.000 43.166 0 190 HOH A O     1 ? 
HETATM 426 O O     . HOH B 2 .  ? -15.941 -8.129  -5.151  1.000 42.681 0 191 HOH A O     1 ? 
HETATM 427 O O     . HOH B 2 .  ? 5.180   -4.950  8.754   1.000 27.250 0 192 HOH A O     1 ? 
HETATM 428 O O     . HOH B 2 .  ? 3.962   14.105  4.896   1.000 39.952 0 193 HOH A O     1 ? 
HETATM 429 O O     . HOH B 2 .  ? -5.383  -6.694  -13.001 0.330 42.919 0 194 HOH A O     1 ? 
HETATM 430 O O     . HOH B 2 .  ? 2.968   -0.560  4.200   1.000 26.051 0 195 HOH A O     1 ? 
HETATM 431 O O     . HOH B 2 .  ? -3.658  0.408   13.936  1.000 32.430 0 196 HOH A O     1 ? 
HETATM 432 O O     . HOH B 2 .  ? 9.715   -0.139  -1.030  1.000 41.421 0 197 HOH A O     1 ? 
HETATM 433 O O     . HOH B 2 .  ? 2.943   8.953   -2.640  1.000 39.534 0 198 HOH A O     1 ? 
HETATM 434 O O     . HOH B 2 .  ? 4.516   -5.073  6.388   1.000 41.537 0 199 HOH A O     1 ? 
HETATM 435 O O     . HOH B 2 .  ? 0.561   -3.765  13.774  1.000 31.443 0 200 HOH A O     1 ? 
HETATM 436 O O     . HOH B 2 .  ? 3.240   12.255  3.387   1.000 23.358 0 201 HOH A O     1 ? 
HETATM 437 O O     . HOH B 2 .  ? 3.566   3.923   1.315   1.000 21.509 0 202 HOH A O     1 ? 
HETATM 438 O O     . HOH B 2 .  ? -13.503 -12.425 -7.092  1.000 25.462 0 203 HOH A O     1 ? 
HETATM 439 O O     . HOH B 2 .  ? -8.133  4.173   8.626   1.000 40.176 0 204 HOH A O     1 ? 
HETATM 440 O O     . HOH B 2 .  ? 12.726  9.582   -7.184  1.000 29.406 0 205 HOH A O     1 ? 
HETATM 441 O O     . HOH B 2 .  ? 0.823   9.596   -4.116  1.000 39.652 0 206 HOH A O     1 ? 
HETATM 442 O O     . HOH B 2 .  ? 2.551   11.909  1.309   1.000 30.491 0 207 HOH A O     1 ? 
# 
